data_5O83
#
_entry.id   5O83
#
_cell.length_a   142.120
_cell.length_b   63.990
_cell.length_c   116.540
_cell.angle_alpha   90.00
_cell.angle_beta   102.89
_cell.angle_gamma   90.00
#
_symmetry.space_group_name_H-M   'C 1 2 1'
#
loop_
_entity.id
_entity.type
_entity.pdbx_description
1 polymer 'Phosphatidylinositol 4,5-bisphosphate 3-kinase catalytic subunit delta isoform'
2 non-polymer Leniolisib
3 water water
#
_entity_poly.entity_id   1
_entity_poly.type   'polypeptide(L)'
_entity_poly.pdbx_seq_one_letter_code
;QGGDRVKKLINSQISLLIGKGLHEFDSLRDPEVNDFRTKMRQFCEEAAAHRQQLGWVEWLQYSFPLQLEPSARGWRAGLL
RVSNRALLVNVKFEGSEESFTFQVSTKDMPLALMACALRKKATVFRQPLVEQPEEYALQVNGRHEYLYGNYPLCHFQYIC
SCLHSGLTPHLTMVHSSSILAMRDEQSNPAPQVQKPRAKPPPIPAKKPSSVSLWSLEQPFSIELIEGRKVNADERMKLVV
QAGLFHGNEMLCKTVSSSEVNVCSEPVWKQRLEFDISVCDLPRMARLCFALYAVVEKAKKARSTKKKSKKADCPIAWANL
MLFDYKDQLKTGERCLYMWPSVPDEKGELLNPAGTVRGNPNTESAAALVIYLPEVAPHPVYFPALEKILELGRHGERGRI
TEEEQLQLREILERRGSGELYEHEKDLVWKMRHEVQEHFPEALARLLLVTKWNKHEDVAQMLYLLCSWPELPVLSALELL
DFSFPDCYVGSFAIKSLRKLTDDELFQYLLQLVQVLKYESYLDCELTKFLLGRALANRKIGHFLFWHLRSEMHVPSVALR
FGLIMEAYCRGSTHHMKVLMKQGEALSKLKALNDFVKVSSQKTTKPQTKEMMHMCMRQETYMEALSHLQSPLDPSTLLEE
VCVEQCTFMDSKMKPLWIMYSSEEAGSAGNVGIIFKNGDDLRQDMLTLQMIQLMDVLWKQEGLDLRMTPYGCLPTGDRTG
LIEVVLHSDTIANIQLNKSNMAATAAFNKDALLNWLKSKNPGEALDRAIEEFTLSCAGYCVATYVLGIGDRHSDNIMIRE
SGQLFHIDFGHFLGNFKTKFGINRERVPFILTYDFVHVIQQGKTNNSEKFERFRGYCERAYTILRRHGLLFLHLFALMRA
AGLPELSCSKDIQYLKDSLALGKTEEEALKHFRVKFNEALRESWKTKVNWLAHNVSKDNRQ
;
_entity_poly.pdbx_strand_id   A
#
loop_
_chem_comp.id
_chem_comp.type
_chem_comp.name
_chem_comp.formula
9NQ non-polymer Leniolisib 'C21 H25 F3 N6 O2'
#
# COMPACT_ATOMS: atom_id res chain seq x y z
N VAL A 6 -9.57 4.78 34.35
CA VAL A 6 -10.31 4.55 33.10
C VAL A 6 -9.43 4.74 31.87
N LYS A 7 -8.57 5.80 31.86
CA LYS A 7 -7.66 6.13 30.77
C LYS A 7 -6.42 5.22 30.75
N LYS A 8 -6.11 4.57 31.90
CA LYS A 8 -5.00 3.63 32.06
C LYS A 8 -5.25 2.38 31.23
N LEU A 9 -6.53 1.95 31.09
CA LEU A 9 -6.93 0.80 30.29
C LEU A 9 -6.77 1.11 28.79
N ILE A 10 -7.29 2.27 28.32
CA ILE A 10 -7.17 2.71 26.92
C ILE A 10 -5.70 2.84 26.50
N ASN A 11 -4.80 3.23 27.43
CA ASN A 11 -3.36 3.36 27.21
C ASN A 11 -2.67 2.00 27.20
N SER A 12 -3.11 1.05 28.05
CA SER A 12 -2.57 -0.31 28.12
C SER A 12 -2.88 -1.05 26.81
N GLN A 13 -4.10 -0.85 26.27
CA GLN A 13 -4.58 -1.45 25.03
C GLN A 13 -3.78 -0.90 23.84
N ILE A 14 -3.54 0.43 23.81
CA ILE A 14 -2.75 1.10 22.76
C ILE A 14 -1.32 0.53 22.71
N SER A 15 -0.69 0.29 23.87
CA SER A 15 0.66 -0.26 23.96
C SER A 15 0.74 -1.67 23.38
N LEU A 16 -0.30 -2.50 23.62
CA LEU A 16 -0.39 -3.89 23.15
C LEU A 16 -0.64 -3.94 21.66
N LEU A 17 -1.55 -3.08 21.18
CA LEU A 17 -1.95 -2.99 19.79
C LEU A 17 -0.84 -2.48 18.88
N ILE A 18 -0.07 -1.50 19.33
CA ILE A 18 0.96 -0.91 18.48
C ILE A 18 2.31 -1.65 18.65
N GLY A 19 2.38 -2.54 19.64
CA GLY A 19 3.58 -3.33 19.93
C GLY A 19 4.76 -2.50 20.37
N LYS A 20 4.49 -1.46 21.20
CA LYS A 20 5.45 -0.52 21.78
C LYS A 20 4.73 0.24 22.91
N GLY A 21 5.23 0.08 24.14
CA GLY A 21 4.69 0.76 25.31
C GLY A 21 4.75 2.26 25.18
N LEU A 22 3.72 2.96 25.65
CA LEU A 22 3.62 4.43 25.58
C LEU A 22 4.59 5.11 26.56
N HIS A 23 5.09 4.35 27.55
CA HIS A 23 6.05 4.80 28.55
C HIS A 23 7.42 5.02 27.90
N GLU A 24 7.67 4.34 26.77
CA GLU A 24 8.91 4.40 26.01
C GLU A 24 9.10 5.79 25.39
N PHE A 25 7.98 6.44 24.98
CA PHE A 25 7.94 7.78 24.38
C PHE A 25 8.32 8.89 25.39
N ASP A 26 7.87 8.74 26.65
CA ASP A 26 8.16 9.68 27.73
C ASP A 26 9.64 9.60 28.13
N SER A 27 10.21 8.37 28.13
CA SER A 27 11.61 8.06 28.47
C SER A 27 12.60 8.77 27.52
N LEU A 28 12.13 9.15 26.31
CA LEU A 28 12.90 9.89 25.31
C LEU A 28 13.07 11.35 25.74
N ARG A 29 12.09 11.87 26.53
CA ARG A 29 12.02 13.24 27.04
C ARG A 29 12.29 14.23 25.88
N ASP A 30 11.73 13.90 24.70
CA ASP A 30 11.90 14.61 23.44
C ASP A 30 10.84 15.70 23.25
N PRO A 31 11.25 17.00 23.17
CA PRO A 31 10.25 18.06 22.95
C PRO A 31 9.49 17.92 21.62
N GLU A 32 10.13 17.31 20.60
CA GLU A 32 9.50 17.06 19.29
C GLU A 32 8.42 15.97 19.39
N VAL A 33 8.75 14.84 20.04
CA VAL A 33 7.84 13.70 20.22
C VAL A 33 6.68 14.07 21.13
N ASN A 34 6.94 14.86 22.21
CA ASN A 34 5.94 15.33 23.17
C ASN A 34 4.98 16.33 22.56
N ASP A 35 5.48 17.22 21.70
CA ASP A 35 4.65 18.21 21.01
C ASP A 35 3.75 17.54 19.97
N PHE A 36 4.27 16.53 19.25
CA PHE A 36 3.53 15.75 18.24
C PHE A 36 2.36 15.03 18.92
N ARG A 37 2.65 14.30 20.01
CA ARG A 37 1.69 13.54 20.81
C ARG A 37 0.50 14.38 21.28
N THR A 38 0.78 15.53 21.90
CA THR A 38 -0.27 16.43 22.41
C THR A 38 -1.08 17.13 21.29
N LYS A 39 -0.40 17.53 20.18
CA LYS A 39 -1.04 18.21 19.06
C LYS A 39 -1.93 17.27 18.29
N MET A 40 -1.39 16.10 17.89
CA MET A 40 -2.09 15.09 17.09
C MET A 40 -3.21 14.38 17.84
N ARG A 41 -3.10 14.24 19.19
CA ARG A 41 -4.16 13.67 20.03
C ARG A 41 -5.39 14.57 19.91
N GLN A 42 -5.17 15.91 20.04
CA GLN A 42 -6.21 16.95 19.94
C GLN A 42 -6.85 16.97 18.55
N PHE A 43 -6.04 16.73 17.49
CA PHE A 43 -6.53 16.70 16.11
C PHE A 43 -7.47 15.50 15.92
N CYS A 44 -7.03 14.31 16.38
CA CYS A 44 -7.79 13.06 16.26
C CYS A 44 -9.06 13.04 17.12
N GLU A 45 -8.99 13.62 18.32
CA GLU A 45 -10.13 13.70 19.22
C GLU A 45 -11.22 14.60 18.63
N GLU A 46 -10.82 15.70 17.93
CA GLU A 46 -11.72 16.60 17.21
C GLU A 46 -12.37 15.88 16.01
N ALA A 47 -11.61 14.96 15.37
CA ALA A 47 -12.09 14.15 14.25
C ALA A 47 -13.08 13.10 14.75
N ALA A 48 -12.78 12.46 15.90
CA ALA A 48 -13.64 11.46 16.53
C ALA A 48 -14.97 12.09 16.98
N ALA A 49 -14.92 13.38 17.40
CA ALA A 49 -16.06 14.18 17.86
C ALA A 49 -17.07 14.44 16.74
N HIS A 50 -16.58 14.68 15.52
CA HIS A 50 -17.37 14.90 14.31
C HIS A 50 -18.22 13.67 13.98
N ARG A 51 -17.62 12.48 14.11
CA ARG A 51 -18.25 11.19 13.79
C ARG A 51 -19.44 10.79 14.67
N GLN A 52 -19.43 11.23 15.93
CA GLN A 52 -20.49 10.92 16.91
C GLN A 52 -21.75 11.77 16.70
N GLN A 53 -21.69 12.71 15.74
CA GLN A 53 -22.79 13.61 15.39
C GLN A 53 -23.20 13.52 13.91
N LEU A 54 -22.45 12.74 13.11
CA LEU A 54 -22.70 12.45 11.69
C LEU A 54 -24.05 11.76 11.57
N GLY A 55 -24.74 12.00 10.45
CA GLY A 55 -26.02 11.39 10.15
C GLY A 55 -25.88 9.89 9.96
N TRP A 56 -27.02 9.19 9.86
CA TRP A 56 -26.98 7.74 9.71
C TRP A 56 -26.43 7.29 8.33
N VAL A 57 -26.72 8.04 7.24
CA VAL A 57 -26.18 7.73 5.91
C VAL A 57 -24.69 8.13 5.87
N GLU A 58 -24.34 9.20 6.60
CA GLU A 58 -22.98 9.72 6.73
C GLU A 58 -22.07 8.78 7.52
N TRP A 59 -22.64 8.02 8.50
CA TRP A 59 -21.91 7.04 9.30
C TRP A 59 -21.67 5.80 8.47
N LEU A 60 -22.72 5.33 7.74
CA LEU A 60 -22.63 4.18 6.85
C LEU A 60 -21.45 4.45 5.90
N GLN A 61 -21.30 5.70 5.42
CA GLN A 61 -20.17 6.15 4.58
C GLN A 61 -18.80 6.02 5.26
N TYR A 62 -18.74 6.16 6.61
CA TYR A 62 -17.48 6.05 7.36
C TYR A 62 -17.15 4.58 7.65
N SER A 63 -18.05 3.88 8.37
CA SER A 63 -17.86 2.51 8.82
C SER A 63 -17.91 1.45 7.70
N PHE A 64 -18.77 1.70 6.67
CA PHE A 64 -18.94 0.78 5.54
C PHE A 64 -18.89 1.56 4.19
N PRO A 65 -17.71 2.08 3.77
CA PRO A 65 -17.64 2.80 2.49
C PRO A 65 -18.07 1.91 1.32
N LEU A 66 -18.70 2.52 0.31
CA LEU A 66 -19.21 1.80 -0.86
C LEU A 66 -18.13 1.18 -1.72
N GLN A 67 -18.40 -0.04 -2.21
CA GLN A 67 -17.51 -0.75 -3.12
C GLN A 67 -18.18 -0.75 -4.49
N LEU A 68 -17.69 0.14 -5.37
CA LEU A 68 -18.22 0.35 -6.72
C LEU A 68 -17.20 -0.04 -7.80
N GLU A 69 -17.71 -0.52 -8.95
CA GLU A 69 -16.90 -0.93 -10.11
C GLU A 69 -16.33 0.31 -10.86
N PRO A 70 -15.12 0.24 -11.49
CA PRO A 70 -14.60 1.42 -12.23
C PRO A 70 -15.35 1.67 -13.53
N ASN A 84 -32.47 -2.84 -18.71
CA ASN A 84 -31.30 -3.38 -19.39
C ASN A 84 -31.18 -4.90 -19.23
N ARG A 85 -31.26 -5.41 -17.97
CA ARG A 85 -31.18 -6.84 -17.62
C ARG A 85 -31.84 -7.12 -16.26
N ALA A 86 -32.32 -8.37 -16.04
CA ALA A 86 -32.98 -8.79 -14.79
C ALA A 86 -32.02 -9.52 -13.85
N LEU A 87 -32.31 -9.45 -12.54
CA LEU A 87 -31.53 -10.09 -11.47
C LEU A 87 -32.41 -10.50 -10.30
N LEU A 88 -32.41 -11.80 -9.94
CA LEU A 88 -33.18 -12.33 -8.81
C LEU A 88 -32.36 -12.12 -7.55
N VAL A 89 -32.95 -11.43 -6.54
CA VAL A 89 -32.29 -11.11 -5.27
C VAL A 89 -33.17 -11.34 -4.04
N ASN A 90 -32.70 -12.15 -3.07
CA ASN A 90 -33.39 -12.41 -1.81
C ASN A 90 -33.06 -11.31 -0.78
N VAL A 91 -34.08 -10.60 -0.30
CA VAL A 91 -33.99 -9.52 0.69
C VAL A 91 -34.80 -9.89 1.93
N LYS A 92 -34.32 -9.50 3.13
CA LYS A 92 -34.98 -9.80 4.42
C LYS A 92 -34.68 -8.72 5.44
N PHE A 93 -35.71 -8.21 6.14
CA PHE A 93 -35.58 -7.19 7.18
C PHE A 93 -34.84 -7.74 8.41
N GLU A 94 -34.13 -6.86 9.16
CA GLU A 94 -33.33 -7.23 10.35
C GLU A 94 -34.14 -7.90 11.46
N GLY A 95 -33.58 -8.96 12.03
CA GLY A 95 -34.17 -9.74 13.10
C GLY A 95 -35.43 -10.50 12.70
N SER A 96 -35.43 -11.10 11.50
CA SER A 96 -36.56 -11.87 10.98
C SER A 96 -36.07 -13.01 10.09
N GLU A 97 -36.56 -14.22 10.35
CA GLU A 97 -36.21 -15.43 9.59
C GLU A 97 -36.74 -15.37 8.16
N GLU A 98 -37.99 -14.87 8.00
CA GLU A 98 -38.69 -14.74 6.72
C GLU A 98 -37.93 -13.86 5.73
N SER A 99 -37.68 -14.39 4.52
CA SER A 99 -37.00 -13.73 3.42
C SER A 99 -37.92 -13.63 2.20
N PHE A 100 -37.52 -12.85 1.19
CA PHE A 100 -38.32 -12.67 -0.03
C PHE A 100 -37.46 -12.46 -1.27
N THR A 101 -37.63 -13.35 -2.28
CA THR A 101 -36.93 -13.28 -3.57
C THR A 101 -37.77 -12.38 -4.49
N PHE A 102 -37.15 -11.31 -5.03
CA PHE A 102 -37.80 -10.31 -5.86
C PHE A 102 -37.08 -10.07 -7.20
N GLN A 103 -37.86 -9.87 -8.27
CA GLN A 103 -37.33 -9.61 -9.62
C GLN A 103 -37.01 -8.13 -9.78
N VAL A 104 -35.71 -7.80 -9.79
CA VAL A 104 -35.20 -6.43 -9.91
C VAL A 104 -34.29 -6.28 -11.12
N SER A 105 -34.31 -5.09 -11.74
CA SER A 105 -33.46 -4.75 -12.89
C SER A 105 -32.04 -4.41 -12.42
N THR A 106 -31.03 -4.71 -13.24
CA THR A 106 -29.63 -4.39 -12.96
C THR A 106 -29.39 -2.86 -13.02
N LYS A 107 -30.28 -2.12 -13.73
CA LYS A 107 -30.25 -0.66 -13.88
C LYS A 107 -31.01 0.05 -12.76
N ASP A 108 -31.77 -0.71 -11.94
CA ASP A 108 -32.55 -0.19 -10.83
C ASP A 108 -31.66 0.17 -9.65
N MET A 109 -31.98 1.29 -8.96
CA MET A 109 -31.23 1.83 -7.82
C MET A 109 -31.66 1.17 -6.48
N PRO A 110 -30.83 1.18 -5.40
CA PRO A 110 -31.24 0.47 -4.17
C PRO A 110 -32.60 0.83 -3.57
N LEU A 111 -33.06 2.09 -3.73
CA LEU A 111 -34.36 2.53 -3.21
C LEU A 111 -35.54 1.75 -3.82
N ALA A 112 -35.37 1.23 -5.06
CA ALA A 112 -36.38 0.43 -5.76
C ALA A 112 -36.49 -0.95 -5.13
N LEU A 113 -35.35 -1.52 -4.72
CA LEU A 113 -35.29 -2.82 -4.04
C LEU A 113 -35.92 -2.65 -2.67
N MET A 114 -35.58 -1.54 -1.99
CA MET A 114 -36.09 -1.17 -0.67
C MET A 114 -37.58 -0.84 -0.65
N ALA A 115 -38.13 -0.36 -1.79
CA ALA A 115 -39.56 -0.06 -1.94
C ALA A 115 -40.32 -1.33 -2.30
N CYS A 116 -39.62 -2.35 -2.84
CA CYS A 116 -40.19 -3.66 -3.18
C CYS A 116 -40.25 -4.52 -1.91
N ALA A 117 -39.16 -4.46 -1.10
CA ALA A 117 -39.04 -5.16 0.18
C ALA A 117 -40.08 -4.61 1.16
N LEU A 118 -40.27 -3.27 1.20
CA LEU A 118 -41.26 -2.65 2.08
C LEU A 118 -42.70 -2.97 1.63
N ARG A 119 -42.96 -3.04 0.30
CA ARG A 119 -44.27 -3.37 -0.26
C ARG A 119 -44.67 -4.83 0.01
N LYS A 120 -43.67 -5.74 0.05
CA LYS A 120 -43.86 -7.16 0.34
C LYS A 120 -44.12 -7.35 1.84
N LYS A 121 -43.38 -6.61 2.69
CA LYS A 121 -43.48 -6.63 4.16
C LYS A 121 -44.87 -6.21 4.63
N ALA A 122 -45.43 -5.13 4.07
CA ALA A 122 -46.77 -4.63 4.37
C ALA A 122 -47.84 -5.62 3.93
N THR A 123 -47.56 -6.41 2.87
CA THR A 123 -48.46 -7.43 2.34
C THR A 123 -48.54 -8.65 3.27
N VAL A 124 -47.37 -9.21 3.67
CA VAL A 124 -47.27 -10.38 4.55
C VAL A 124 -47.66 -10.04 6.00
N PHE A 125 -47.09 -8.96 6.58
CA PHE A 125 -47.40 -8.55 7.96
C PHE A 125 -48.78 -7.86 8.10
N ARG A 126 -49.51 -7.70 6.97
CA ARG A 126 -50.84 -7.10 6.84
C ARG A 126 -50.90 -5.65 7.39
N GLN A 127 -49.77 -4.91 7.30
CA GLN A 127 -49.65 -3.52 7.77
N GLN A 132 -41.75 4.16 4.49
CA GLN A 132 -40.83 4.91 3.63
C GLN A 132 -39.51 4.14 3.40
N PRO A 133 -39.05 3.95 2.13
CA PRO A 133 -37.81 3.18 1.90
C PRO A 133 -36.52 3.95 2.11
N GLU A 134 -36.63 5.28 2.26
CA GLU A 134 -35.54 6.23 2.41
C GLU A 134 -34.89 6.23 3.81
N GLU A 135 -35.56 5.60 4.79
CA GLU A 135 -35.08 5.47 6.17
C GLU A 135 -34.39 4.08 6.38
N TYR A 136 -34.02 3.41 5.28
CA TYR A 136 -33.39 2.08 5.25
C TYR A 136 -32.07 2.02 4.41
N ALA A 137 -31.29 0.94 4.63
CA ALA A 137 -30.05 0.65 3.93
C ALA A 137 -29.91 -0.87 3.78
N LEU A 138 -29.50 -1.33 2.58
CA LEU A 138 -29.34 -2.76 2.30
C LEU A 138 -27.95 -3.28 2.69
N GLN A 139 -27.88 -4.16 3.68
CA GLN A 139 -26.62 -4.76 4.11
C GLN A 139 -26.41 -6.05 3.31
N VAL A 140 -25.18 -6.25 2.80
CA VAL A 140 -24.79 -7.48 2.11
C VAL A 140 -24.70 -8.51 3.26
N ASN A 141 -25.78 -9.33 3.42
CA ASN A 141 -25.99 -10.32 4.49
C ASN A 141 -24.71 -11.05 4.94
N GLY A 142 -24.48 -11.01 6.24
CA GLY A 142 -23.33 -11.64 6.91
C GLY A 142 -21.96 -11.07 6.56
N ARG A 143 -21.92 -9.80 6.06
CA ARG A 143 -20.73 -9.04 5.71
C ARG A 143 -20.89 -7.58 6.11
N HIS A 144 -19.76 -6.88 6.34
CA HIS A 144 -19.75 -5.46 6.69
C HIS A 144 -19.71 -4.58 5.43
N GLU A 145 -20.61 -4.89 4.48
CA GLU A 145 -20.75 -4.19 3.20
C GLU A 145 -22.19 -3.77 3.05
N TYR A 146 -22.42 -2.55 2.55
CA TYR A 146 -23.76 -1.99 2.37
C TYR A 146 -23.99 -1.52 0.93
N LEU A 147 -25.26 -1.44 0.52
CA LEU A 147 -25.70 -1.00 -0.80
C LEU A 147 -26.65 0.21 -0.64
N TYR A 148 -26.06 1.40 -0.62
CA TYR A 148 -26.73 2.69 -0.48
C TYR A 148 -26.25 3.65 -1.58
N GLY A 149 -26.90 4.80 -1.71
CA GLY A 149 -26.55 5.81 -2.73
C GLY A 149 -27.28 5.61 -4.04
N ASN A 150 -27.33 6.68 -4.87
CA ASN A 150 -28.02 6.66 -6.17
C ASN A 150 -27.14 6.09 -7.29
N TYR A 151 -26.83 4.78 -7.20
CA TYR A 151 -26.03 4.02 -8.17
C TYR A 151 -26.85 2.82 -8.58
N PRO A 152 -26.99 2.48 -9.88
CA PRO A 152 -27.76 1.28 -10.23
C PRO A 152 -27.11 0.02 -9.68
N LEU A 153 -27.91 -1.03 -9.40
CA LEU A 153 -27.44 -2.31 -8.85
C LEU A 153 -26.22 -2.91 -9.58
N CYS A 154 -26.07 -2.63 -10.91
CA CYS A 154 -24.97 -3.10 -11.75
C CYS A 154 -23.61 -2.51 -11.32
N HIS A 155 -23.60 -1.28 -10.77
CA HIS A 155 -22.41 -0.54 -10.33
C HIS A 155 -21.78 -1.05 -9.03
N PHE A 156 -22.59 -1.66 -8.13
CA PHE A 156 -22.09 -2.18 -6.86
C PHE A 156 -21.27 -3.43 -7.09
N GLN A 157 -20.05 -3.47 -6.50
CA GLN A 157 -19.09 -4.58 -6.57
C GLN A 157 -19.70 -5.95 -6.22
N TYR A 158 -20.61 -5.99 -5.22
CA TYR A 158 -21.28 -7.23 -4.81
C TYR A 158 -22.34 -7.67 -5.80
N ILE A 159 -23.31 -6.80 -6.11
CA ILE A 159 -24.39 -7.10 -7.05
C ILE A 159 -23.82 -7.45 -8.43
N CYS A 160 -22.67 -6.84 -8.81
CA CYS A 160 -21.97 -7.09 -10.07
C CYS A 160 -21.26 -8.45 -10.08
N SER A 161 -20.55 -8.78 -8.98
CA SER A 161 -19.82 -10.05 -8.83
C SER A 161 -20.78 -11.24 -8.79
N CYS A 162 -21.97 -11.05 -8.17
CA CYS A 162 -23.02 -12.06 -8.05
C CYS A 162 -23.55 -12.46 -9.42
N LEU A 163 -23.69 -11.48 -10.33
CA LEU A 163 -24.17 -11.67 -11.71
C LEU A 163 -23.27 -12.61 -12.51
N HIS A 164 -21.93 -12.51 -12.30
CA HIS A 164 -20.93 -13.34 -12.98
C HIS A 164 -20.69 -14.69 -12.28
N SER A 165 -20.93 -14.76 -10.95
CA SER A 165 -20.75 -15.97 -10.13
C SER A 165 -21.75 -17.09 -10.47
N LEU A 167 -24.94 -16.67 -8.81
CA LEU A 167 -25.22 -16.49 -7.40
C LEU A 167 -26.22 -15.34 -7.19
N THR A 168 -27.30 -15.60 -6.43
CA THR A 168 -28.35 -14.61 -6.13
C THR A 168 -27.94 -13.72 -4.95
N PRO A 169 -27.96 -12.38 -5.08
CA PRO A 169 -27.53 -11.51 -3.97
C PRO A 169 -28.44 -11.58 -2.73
N HIS A 170 -27.84 -11.85 -1.56
CA HIS A 170 -28.56 -11.92 -0.29
C HIS A 170 -28.36 -10.61 0.47
N LEU A 171 -29.45 -9.81 0.58
CA LEU A 171 -29.45 -8.50 1.22
C LEU A 171 -30.31 -8.47 2.47
N THR A 172 -30.01 -7.54 3.40
CA THR A 172 -30.73 -7.36 4.67
C THR A 172 -31.12 -5.89 4.84
N MET A 173 -32.42 -5.64 5.06
CA MET A 173 -32.98 -4.30 5.22
C MET A 173 -32.67 -3.70 6.61
N VAL A 174 -31.48 -3.07 6.75
CA VAL A 174 -31.05 -2.43 8.00
C VAL A 174 -31.67 -1.03 8.09
N HIS A 175 -32.45 -0.77 9.15
CA HIS A 175 -33.16 0.50 9.40
C HIS A 175 -32.24 1.59 9.97
N SER A 176 -32.66 2.88 9.85
CA SER A 176 -31.97 4.06 10.36
C SER A 176 -31.60 3.92 11.85
N SER A 177 -32.54 3.41 12.67
CA SER A 177 -32.38 3.16 14.11
C SER A 177 -31.34 2.09 14.43
N SER A 178 -31.10 1.14 13.50
CA SER A 178 -30.12 0.06 13.64
C SER A 178 -28.70 0.54 13.30
N ILE A 179 -28.58 1.46 12.32
CA ILE A 179 -27.32 2.07 11.91
C ILE A 179 -26.90 3.09 12.99
N LEU A 180 -27.86 3.89 13.51
CA LEU A 180 -27.62 4.90 14.56
C LEU A 180 -27.22 4.28 15.90
N ALA A 181 -27.69 3.06 16.20
CA ALA A 181 -27.35 2.35 17.45
C ALA A 181 -25.89 1.90 17.43
N MET A 182 -25.31 1.77 16.21
CA MET A 182 -23.91 1.39 15.99
C MET A 182 -22.99 2.55 16.35
N ARG A 183 -23.22 3.77 15.79
CA ARG A 183 -22.39 4.94 16.10
C ARG A 183 -22.38 5.28 17.57
N ASP A 184 -23.55 5.13 18.24
CA ASP A 184 -23.71 5.37 19.67
C ASP A 184 -22.85 4.39 20.47
N GLU A 185 -22.84 3.10 20.04
CA GLU A 185 -22.05 2.03 20.66
C GLU A 185 -20.56 2.14 20.33
N GLN A 186 -20.21 2.86 19.23
CA GLN A 186 -18.83 3.06 18.78
C GLN A 186 -18.18 4.35 19.32
N SER A 187 -18.76 4.91 20.40
CA SER A 187 -18.30 6.15 21.07
C SER A 187 -16.94 6.00 21.80
N ASN A 188 -16.34 7.15 22.19
CA ASN A 188 -15.05 7.22 22.90
C ASN A 188 -15.26 7.50 24.38
N TRP A 214 18.94 36.70 10.42
CA TRP A 214 18.83 35.31 9.98
C TRP A 214 19.74 34.99 8.77
N SER A 215 20.47 36.02 8.28
CA SER A 215 21.39 35.89 7.15
C SER A 215 22.84 36.33 7.51
N LEU A 216 23.72 35.32 7.69
CA LEU A 216 25.14 35.49 8.01
C LEU A 216 25.98 34.95 6.84
N GLU A 217 26.85 35.82 6.28
CA GLU A 217 27.70 35.47 5.12
C GLU A 217 28.81 34.46 5.43
N GLN A 218 29.14 34.24 6.72
CA GLN A 218 30.20 33.31 7.20
C GLN A 218 30.05 31.89 6.65
N PRO A 219 31.15 31.34 6.12
CA PRO A 219 31.10 29.99 5.55
C PRO A 219 30.67 28.94 6.58
N PHE A 220 29.67 28.09 6.24
CA PHE A 220 29.14 27.05 7.14
C PHE A 220 30.22 26.05 7.59
N SER A 221 30.26 25.74 8.91
CA SER A 221 31.26 24.85 9.49
C SER A 221 30.74 23.98 10.64
N ILE A 222 31.31 22.77 10.75
CA ILE A 222 31.03 21.80 11.81
C ILE A 222 32.30 21.61 12.63
N LEU A 224 33.65 18.60 14.70
CA LEU A 224 33.91 17.17 14.85
C LEU A 224 34.80 16.85 16.07
N ILE A 225 34.19 16.46 17.20
CA ILE A 225 34.88 16.13 18.45
C ILE A 225 35.50 14.72 18.41
N GLU A 226 34.97 13.76 19.19
CA GLU A 226 35.45 12.37 19.23
C GLU A 226 34.30 11.39 18.92
N GLY A 227 34.60 10.35 18.14
CA GLY A 227 33.62 9.33 17.75
C GLY A 227 33.82 7.96 18.37
N ARG A 228 33.05 7.66 19.43
CA ARG A 228 33.12 6.42 20.22
C ARG A 228 32.51 5.14 19.55
N LYS A 229 32.90 3.94 20.07
CA LYS A 229 32.44 2.57 19.70
C LYS A 229 32.60 2.16 18.23
N VAL A 230 33.79 2.37 17.63
CA VAL A 230 34.05 2.03 16.23
C VAL A 230 34.75 0.64 16.07
N ASN A 231 34.18 -0.24 15.24
CA ASN A 231 34.70 -1.58 14.95
C ASN A 231 35.30 -1.67 13.54
N ALA A 232 36.66 -1.76 13.46
CA ALA A 232 37.45 -1.87 12.22
C ALA A 232 38.89 -2.35 12.51
N ASP A 233 39.77 -2.36 11.46
CA ASP A 233 41.18 -2.79 11.52
C ASP A 233 42.09 -1.69 12.09
N MET A 236 44.62 0.01 9.81
CA MET A 236 43.72 0.85 9.01
C MET A 236 43.32 2.15 9.72
N LYS A 237 43.09 3.23 8.93
CA LYS A 237 42.72 4.56 9.42
C LYS A 237 41.24 4.88 9.14
N LEU A 238 40.63 5.68 10.04
CA LEU A 238 39.23 6.08 9.97
C LEU A 238 39.04 7.55 9.54
N VAL A 239 38.24 7.76 8.47
CA VAL A 239 37.90 9.09 7.92
C VAL A 239 36.39 9.32 8.01
N VAL A 240 35.96 10.57 8.22
CA VAL A 240 34.55 10.96 8.29
C VAL A 240 34.20 11.94 7.17
N GLN A 241 33.49 11.46 6.13
CA GLN A 241 33.08 12.27 4.98
C GLN A 241 31.79 13.00 5.32
N ALA A 242 31.69 14.29 4.94
CA ALA A 242 30.50 15.08 5.20
C ALA A 242 30.05 15.93 4.02
N GLY A 243 28.81 15.68 3.58
CA GLY A 243 28.15 16.39 2.50
C GLY A 243 26.90 17.12 2.97
N LEU A 244 26.59 18.26 2.33
CA LEU A 244 25.41 19.07 2.65
C LEU A 244 24.40 18.92 1.51
N PHE A 245 23.29 18.18 1.76
CA PHE A 245 22.26 17.87 0.77
C PHE A 245 20.89 18.53 1.00
N HIS A 246 20.16 18.78 -0.10
CA HIS A 246 18.78 19.25 -0.11
C HIS A 246 18.04 18.26 -1.03
N GLY A 247 17.88 17.04 -0.52
CA GLY A 247 17.29 15.91 -1.22
C GLY A 247 18.36 15.03 -1.79
N ASN A 248 18.30 14.80 -3.12
CA ASN A 248 19.28 13.98 -3.84
C ASN A 248 20.41 14.82 -4.42
N GLU A 249 20.27 16.17 -4.36
CA GLU A 249 21.22 17.15 -4.86
C GLU A 249 22.10 17.75 -3.75
N MET A 250 23.37 18.06 -4.07
CA MET A 250 24.33 18.64 -3.14
C MET A 250 24.23 20.18 -3.12
N LEU A 251 24.54 20.77 -1.96
CA LEU A 251 24.53 22.22 -1.75
C LEU A 251 25.95 22.81 -1.84
N CYS A 252 26.98 21.95 -1.73
CA CYS A 252 28.42 22.28 -1.80
C CYS A 252 29.28 21.00 -1.88
N LYS A 253 30.63 21.18 -1.97
CA LYS A 253 31.63 20.11 -2.04
C LYS A 253 31.59 19.20 -0.81
N THR A 254 31.84 17.88 -1.01
CA THR A 254 31.82 16.88 0.07
C THR A 254 33.16 16.84 0.86
N VAL A 255 33.28 17.67 1.92
CA VAL A 255 34.47 17.77 2.77
C VAL A 255 34.65 16.56 3.69
N SER A 256 35.82 15.92 3.64
CA SER A 256 36.17 14.74 4.43
C SER A 256 37.04 15.08 5.66
N SER A 257 37.18 14.12 6.62
CA SER A 257 38.01 14.27 7.84
C SER A 257 39.43 13.70 7.65
N SER A 258 40.35 13.99 8.60
CA SER A 258 41.73 13.51 8.60
C SER A 258 41.80 11.98 8.65
N GLU A 259 42.76 11.36 7.92
CA GLU A 259 42.94 9.90 7.86
C GLU A 259 43.59 9.32 9.12
N CYS A 263 41.57 3.03 15.81
CA CYS A 263 41.11 2.89 17.19
C CYS A 263 39.59 2.64 17.32
N SER A 264 39.12 2.24 18.53
CA SER A 264 37.71 2.01 18.86
C SER A 264 37.04 3.30 19.30
N GLU A 265 37.85 4.28 19.78
CA GLU A 265 37.40 5.60 20.24
C GLU A 265 38.24 6.76 19.62
N PRO A 266 38.15 7.01 18.30
CA PRO A 266 38.96 8.09 17.69
C PRO A 266 38.54 9.49 18.10
N VAL A 267 39.54 10.38 18.25
CA VAL A 267 39.34 11.78 18.58
C VAL A 267 39.97 12.64 17.48
N TRP A 268 39.21 13.61 16.93
CA TRP A 268 39.70 14.48 15.85
C TRP A 268 40.12 15.89 16.34
N GLU A 273 35.17 22.67 6.54
CA GLU A 273 34.47 23.87 6.09
C GLU A 273 33.74 23.64 4.77
N PHE A 274 32.41 23.91 4.74
CA PHE A 274 31.54 23.75 3.57
C PHE A 274 31.61 24.99 2.66
N ASP A 275 31.57 24.77 1.32
CA ASP A 275 31.67 25.82 0.30
C ASP A 275 30.39 26.70 0.14
N ILE A 276 29.38 26.54 1.02
CA ILE A 276 28.13 27.31 1.04
C ILE A 276 28.05 28.16 2.33
N SER A 277 27.47 29.38 2.22
CA SER A 277 27.31 30.29 3.37
C SER A 277 26.16 29.87 4.30
N VAL A 278 26.19 30.36 5.56
CA VAL A 278 25.16 30.10 6.56
C VAL A 278 23.82 30.77 6.17
N CYS A 279 23.89 31.89 5.41
CA CYS A 279 22.72 32.63 4.92
C CYS A 279 22.02 31.87 3.79
N ASP A 280 22.78 31.06 3.02
CA ASP A 280 22.31 30.30 1.87
C ASP A 280 21.68 28.93 2.19
N LEU A 281 21.86 28.42 3.43
CA LEU A 281 21.32 27.13 3.85
C LEU A 281 19.79 27.05 3.68
N PRO A 282 19.25 26.09 2.87
CA PRO A 282 17.78 25.98 2.72
C PRO A 282 17.15 25.45 4.00
N ARG A 283 15.83 25.67 4.17
CA ARG A 283 15.11 25.24 5.36
C ARG A 283 15.28 23.76 5.65
N MET A 284 15.20 22.93 4.61
CA MET A 284 15.29 21.46 4.67
C MET A 284 16.68 20.92 4.28
N ALA A 285 17.76 21.50 4.85
CA ALA A 285 19.12 21.08 4.58
C ALA A 285 19.55 19.94 5.51
N ARG A 286 20.20 18.91 4.93
CA ARG A 286 20.71 17.75 5.65
C ARG A 286 22.24 17.75 5.68
N LEU A 287 22.84 17.40 6.84
CA LEU A 287 24.29 17.27 6.98
C LEU A 287 24.52 15.77 7.10
N CYS A 288 25.03 15.15 6.03
CA CYS A 288 25.21 13.70 5.92
C CYS A 288 26.64 13.24 6.18
N PHE A 289 26.80 12.31 7.14
CA PHE A 289 28.10 11.76 7.56
C PHE A 289 28.28 10.29 7.20
N ALA A 290 29.56 9.86 7.08
CA ALA A 290 29.95 8.48 6.78
C ALA A 290 31.36 8.14 7.32
N LEU A 291 31.40 7.22 8.31
CA LEU A 291 32.65 6.72 8.92
C LEU A 291 33.04 5.45 8.18
N TYR A 292 34.26 5.40 7.65
CA TYR A 292 34.77 4.26 6.89
C TYR A 292 36.26 4.01 7.15
N ALA A 293 36.80 2.92 6.59
CA ALA A 293 38.21 2.55 6.73
C ALA A 293 38.95 2.78 5.41
N VAL A 294 40.16 3.36 5.47
CA VAL A 294 40.99 3.65 4.31
C VAL A 294 42.40 3.06 4.45
N ASP A 312 38.32 0.42 0.00
CA ASP A 312 37.59 1.15 1.02
C ASP A 312 36.41 0.34 1.57
N CYS A 313 36.42 0.06 2.90
CA CYS A 313 35.39 -0.71 3.62
C CYS A 313 34.44 0.20 4.43
N PRO A 314 33.12 0.22 4.12
CA PRO A 314 32.20 1.09 4.87
C PRO A 314 31.85 0.53 6.24
N ILE A 315 31.63 1.44 7.22
CA ILE A 315 31.33 1.10 8.61
C ILE A 315 29.92 1.58 9.02
N ALA A 316 29.69 2.91 9.06
CA ALA A 316 28.40 3.47 9.48
C ALA A 316 28.10 4.80 8.80
N TRP A 317 26.86 5.28 8.96
CA TRP A 317 26.39 6.55 8.39
C TRP A 317 25.43 7.24 9.37
N ALA A 318 25.26 8.56 9.24
CA ALA A 318 24.33 9.35 10.08
C ALA A 318 23.93 10.63 9.39
N ASN A 319 22.66 11.05 9.55
CA ASN A 319 22.14 12.28 8.97
C ASN A 319 21.50 13.17 10.03
N LEU A 320 21.57 14.49 9.84
CA LEU A 320 21.02 15.48 10.75
C LEU A 320 20.46 16.66 9.98
N MET A 321 19.34 17.23 10.49
CA MET A 321 18.71 18.44 9.94
C MET A 321 19.43 19.62 10.62
N LEU A 322 19.94 20.59 9.82
CA LEU A 322 20.65 21.77 10.36
C LEU A 322 19.73 22.76 11.08
N PHE A 323 18.40 22.57 10.92
CA PHE A 323 17.36 23.34 11.59
C PHE A 323 16.42 22.36 12.29
N ASP A 324 16.01 22.66 13.53
CA ASP A 324 15.10 21.81 14.31
C ASP A 324 13.63 22.01 13.88
N TYR A 325 12.68 21.29 14.52
CA TYR A 325 11.25 21.37 14.18
C TYR A 325 10.62 22.74 14.43
N LYS A 326 11.17 23.51 15.39
CA LYS A 326 10.70 24.86 15.73
C LYS A 326 11.28 25.93 14.76
N ASP A 327 11.98 25.46 13.69
CA ASP A 327 12.61 26.21 12.59
C ASP A 327 13.90 26.96 13.01
N GLN A 328 14.48 26.59 14.17
CA GLN A 328 15.69 27.20 14.72
C GLN A 328 16.95 26.45 14.27
N LEU A 329 18.02 27.20 13.91
CA LEU A 329 19.31 26.65 13.49
C LEU A 329 19.99 25.91 14.65
N LYS A 330 20.39 24.65 14.41
CA LYS A 330 21.02 23.77 15.40
C LYS A 330 22.36 24.32 15.87
N THR A 331 22.56 24.35 17.21
CA THR A 331 23.79 24.85 17.82
C THR A 331 24.33 23.92 18.92
N GLY A 332 25.62 24.09 19.24
CA GLY A 332 26.32 23.35 20.27
C GLY A 332 26.70 21.93 19.90
N GLU A 333 26.90 21.09 20.93
CA GLU A 333 27.26 19.68 20.77
C GLU A 333 26.06 18.83 20.38
N ARG A 334 26.32 17.77 19.61
CA ARG A 334 25.35 16.78 19.16
C ARG A 334 26.06 15.44 19.07
N CYS A 335 25.47 14.39 19.67
CA CYS A 335 26.01 13.04 19.65
C CYS A 335 25.14 12.24 18.70
N LEU A 336 25.72 11.83 17.56
CA LEU A 336 25.00 11.10 16.51
C LEU A 336 25.24 9.60 16.55
N TYR A 337 24.21 8.84 16.99
CA TYR A 337 24.24 7.37 17.06
C TYR A 337 23.99 6.85 15.66
N MET A 338 25.06 6.37 15.02
CA MET A 338 25.12 5.94 13.62
C MET A 338 24.50 4.58 13.33
N TRP A 339 24.02 4.43 12.08
CA TRP A 339 23.39 3.23 11.52
C TRP A 339 24.43 2.40 10.74
N PRO A 340 24.45 1.05 10.88
CA PRO A 340 25.46 0.25 10.18
C PRO A 340 25.37 0.24 8.65
N SER A 341 26.55 0.30 8.00
CA SER A 341 26.72 0.31 6.54
C SER A 341 27.22 -1.06 6.01
N VAL A 342 27.13 -1.27 4.67
CA VAL A 342 27.51 -2.49 3.94
C VAL A 342 26.62 -3.68 4.29
N LEU A 350 28.17 9.02 1.62
CA LEU A 350 27.05 9.74 2.22
C LEU A 350 25.70 9.18 1.72
N ASN A 351 24.74 8.91 2.65
CA ASN A 351 23.40 8.36 2.35
C ASN A 351 22.32 9.44 2.59
N PRO A 352 21.98 10.27 1.56
CA PRO A 352 21.02 11.37 1.78
C PRO A 352 19.61 10.99 2.21
N ALA A 353 19.03 9.92 1.62
CA ALA A 353 17.65 9.48 1.92
C ALA A 353 17.42 8.93 3.35
N GLY A 354 18.49 8.49 4.02
CA GLY A 354 18.43 7.93 5.38
C GLY A 354 17.81 8.81 6.44
N THR A 355 17.33 8.20 7.56
CA THR A 355 16.68 8.92 8.66
C THR A 355 17.60 9.93 9.34
N VAL A 356 17.04 11.12 9.59
CA VAL A 356 17.67 12.24 10.26
C VAL A 356 17.73 11.99 11.78
N ARG A 357 17.02 10.96 12.27
CA ARG A 357 17.00 10.54 13.66
C ARG A 357 18.05 9.45 13.85
N GLY A 358 18.61 9.37 15.05
CA GLY A 358 19.68 8.42 15.38
C GLY A 358 19.26 6.98 15.61
N ASN A 359 20.26 6.08 15.72
CA ASN A 359 20.04 4.66 15.96
C ASN A 359 19.56 4.45 17.40
N PRO A 360 18.49 3.66 17.62
CA PRO A 360 17.98 3.45 18.99
C PRO A 360 18.88 2.63 19.91
N ASN A 361 19.68 1.69 19.37
CA ASN A 361 20.60 0.86 20.16
C ASN A 361 21.79 1.71 20.61
N THR A 362 21.55 2.60 21.59
CA THR A 362 22.54 3.53 22.16
C THR A 362 23.80 2.78 22.60
N GLU A 363 23.62 1.57 23.18
CA GLU A 363 24.71 0.68 23.63
C GLU A 363 25.52 0.11 22.46
N SER A 364 24.86 -0.51 21.48
CA SER A 364 25.54 -1.10 20.32
C SER A 364 26.13 -0.07 19.32
N ALA A 365 25.29 0.86 18.79
CA ALA A 365 25.66 1.87 17.79
C ALA A 365 26.92 2.67 18.06
N ALA A 366 27.68 2.91 16.99
CA ALA A 366 28.88 3.73 16.99
C ALA A 366 28.38 5.18 16.96
N ALA A 367 28.89 6.02 17.86
CA ALA A 367 28.47 7.42 17.92
C ALA A 367 29.53 8.36 17.35
N LEU A 368 29.07 9.47 16.75
CA LEU A 368 29.93 10.52 16.21
C LEU A 368 29.47 11.83 16.84
N VAL A 369 30.32 12.40 17.72
CA VAL A 369 30.04 13.67 18.40
C VAL A 369 30.55 14.80 17.50
N ILE A 370 29.65 15.70 17.11
CA ILE A 370 29.95 16.84 16.25
C ILE A 370 29.71 18.18 16.97
N TYR A 371 30.43 19.24 16.55
CA TYR A 371 30.30 20.56 17.16
C TYR A 371 29.61 21.53 16.21
N LEU A 372 28.28 21.65 16.34
CA LEU A 372 27.49 22.56 15.51
C LEU A 372 27.63 24.01 15.98
N PRO A 373 28.23 24.84 15.11
CA PRO A 373 28.84 26.09 15.59
C PRO A 373 27.81 27.16 15.97
N GLU A 374 28.24 28.17 16.76
CA GLU A 374 27.39 29.26 17.22
C GLU A 374 27.39 30.43 16.24
N VAL A 375 26.24 31.13 16.15
CA VAL A 375 26.05 32.28 15.26
C VAL A 375 25.56 33.54 16.00
N ALA A 376 24.82 33.36 17.12
CA ALA A 376 24.26 34.44 17.93
C ALA A 376 25.32 35.16 18.75
N PRO A 379 19.85 33.37 19.29
CA PRO A 379 19.19 32.30 18.53
C PRO A 379 18.81 32.72 17.11
N VAL A 380 18.93 31.80 16.14
CA VAL A 380 18.61 32.10 14.75
C VAL A 380 17.58 31.15 14.16
N TYR A 381 16.38 31.67 13.88
CA TYR A 381 15.28 30.91 13.28
C TYR A 381 15.20 31.20 11.78
N PHE A 382 14.64 30.28 10.99
CA PHE A 382 14.50 30.45 9.53
C PHE A 382 13.44 31.51 9.18
N PRO A 383 13.69 32.42 8.20
CA PRO A 383 12.70 33.45 7.87
C PRO A 383 11.30 32.91 7.57
N ALA A 384 10.27 33.57 8.11
CA ALA A 384 8.87 33.18 7.92
C ALA A 384 8.40 33.47 6.49
N LEU A 385 7.28 32.83 6.05
CA LEU A 385 6.68 33.00 4.73
C LEU A 385 6.42 34.47 4.33
N GLU A 386 6.13 35.36 5.32
CA GLU A 386 5.88 36.80 5.12
C GLU A 386 7.14 37.55 4.66
N LYS A 387 8.28 37.27 5.32
CA LYS A 387 9.59 37.85 5.02
C LYS A 387 10.25 37.16 3.82
N ILE A 388 9.97 35.84 3.62
CA ILE A 388 10.50 35.03 2.50
C ILE A 388 9.94 35.47 1.15
N LEU A 389 8.61 35.66 1.06
CA LEU A 389 7.92 36.09 -0.16
C LEU A 389 8.26 37.54 -0.54
N GLU A 390 8.76 38.33 0.43
CA GLU A 390 9.18 39.72 0.25
C GLU A 390 10.45 39.82 -0.61
N LEU A 391 11.30 38.78 -0.62
CA LEU A 391 12.54 38.72 -1.39
C LEU A 391 12.29 38.22 -2.82
N LEU A 420 17.54 17.58 -19.16
CA LEU A 420 17.82 18.98 -19.47
C LEU A 420 19.33 19.29 -19.41
N TYR A 421 19.82 20.07 -20.39
CA TYR A 421 21.24 20.46 -20.50
C TYR A 421 21.58 21.61 -19.55
N GLU A 422 22.87 22.02 -19.51
CA GLU A 422 23.36 23.11 -18.69
C GLU A 422 22.77 24.44 -19.15
N HIS A 423 22.72 24.64 -20.49
CA HIS A 423 22.16 25.84 -21.14
C HIS A 423 20.63 25.81 -21.12
N GLU A 424 20.03 24.60 -21.22
CA GLU A 424 18.59 24.37 -21.20
C GLU A 424 18.01 24.70 -19.82
N LYS A 425 18.80 24.41 -18.74
CA LYS A 425 18.41 24.69 -17.35
C LYS A 425 18.35 26.20 -17.09
N ASP A 426 19.24 26.98 -17.75
CA ASP A 426 19.29 28.44 -17.65
C ASP A 426 18.07 29.10 -18.33
N LEU A 427 17.50 28.41 -19.34
CA LEU A 427 16.31 28.85 -20.09
C LEU A 427 15.02 28.63 -19.31
N VAL A 428 14.94 27.52 -18.54
CA VAL A 428 13.79 27.18 -17.70
C VAL A 428 13.65 28.15 -16.53
N TRP A 429 14.78 28.66 -16.01
CA TRP A 429 14.81 29.63 -14.92
C TRP A 429 14.53 31.06 -15.37
N LYS A 430 14.89 31.42 -16.62
CA LYS A 430 14.61 32.77 -17.15
C LYS A 430 13.10 32.92 -17.38
N MET A 431 12.48 31.90 -18.01
CA MET A 431 11.05 31.86 -18.28
C MET A 431 10.28 31.17 -17.12
N ARG A 432 10.72 31.41 -15.85
CA ARG A 432 10.10 30.85 -14.65
C ARG A 432 8.68 31.38 -14.41
N HIS A 433 8.47 32.70 -14.62
CA HIS A 433 7.17 33.36 -14.48
C HIS A 433 6.25 32.89 -15.61
N GLU A 434 6.84 32.63 -16.80
CA GLU A 434 6.15 32.13 -17.99
C GLU A 434 5.78 30.65 -17.79
N VAL A 435 6.51 29.94 -16.90
CA VAL A 435 6.26 28.54 -16.55
C VAL A 435 5.04 28.42 -15.64
N GLN A 436 4.78 29.45 -14.78
CA GLN A 436 3.60 29.50 -13.92
C GLN A 436 2.35 29.78 -14.76
N GLU A 437 2.51 30.58 -15.83
CA GLU A 437 1.42 30.97 -16.73
C GLU A 437 1.13 29.96 -17.83
N HIS A 438 2.14 29.60 -18.67
CA HIS A 438 1.97 28.70 -19.82
C HIS A 438 2.11 27.20 -19.52
N PHE A 439 3.02 26.80 -18.61
CA PHE A 439 3.22 25.38 -18.30
C PHE A 439 3.13 25.07 -16.77
N PRO A 440 1.96 25.28 -16.09
CA PRO A 440 1.89 25.01 -14.64
C PRO A 440 2.24 23.57 -14.21
N GLU A 441 1.95 22.57 -15.07
CA GLU A 441 2.24 21.16 -14.80
C GLU A 441 3.76 20.89 -14.85
N ALA A 442 4.55 21.84 -15.40
CA ALA A 442 6.01 21.74 -15.51
C ALA A 442 6.73 22.18 -14.22
N LEU A 443 5.98 22.38 -13.10
CA LEU A 443 6.48 22.77 -11.79
C LEU A 443 7.69 21.94 -11.34
N ALA A 444 7.61 20.60 -11.49
CA ALA A 444 8.67 19.66 -11.13
C ALA A 444 10.00 19.98 -11.82
N ARG A 445 9.96 20.21 -13.15
CA ARG A 445 11.14 20.56 -13.96
C ARG A 445 11.78 21.87 -13.50
N LEU A 446 10.94 22.88 -13.13
CA LEU A 446 11.38 24.20 -12.65
C LEU A 446 12.03 24.10 -11.27
N LEU A 447 11.41 23.34 -10.34
CA LEU A 447 11.91 23.13 -8.96
C LEU A 447 13.29 22.48 -8.96
N LEU A 448 13.52 21.54 -9.90
CA LEU A 448 14.79 20.84 -10.08
C LEU A 448 15.86 21.80 -10.59
N VAL A 449 15.49 22.71 -11.52
CA VAL A 449 16.37 23.72 -12.11
C VAL A 449 16.74 24.84 -11.12
N THR A 450 15.94 25.03 -10.04
CA THR A 450 16.17 26.04 -9.00
C THR A 450 17.41 25.64 -8.22
N LYS A 451 18.22 26.66 -7.83
CA LYS A 451 19.43 26.49 -7.03
C LYS A 451 19.05 26.67 -5.56
N TRP A 452 18.98 25.54 -4.83
CA TRP A 452 18.58 25.51 -3.43
C TRP A 452 19.71 25.87 -2.47
N ASN A 453 20.92 26.13 -3.03
CA ASN A 453 22.12 26.55 -2.30
C ASN A 453 22.28 28.08 -2.40
N LYS A 454 21.25 28.76 -2.93
CA LYS A 454 21.20 30.21 -3.09
C LYS A 454 19.85 30.70 -2.57
N HIS A 455 19.84 31.23 -1.32
CA HIS A 455 18.64 31.72 -0.63
C HIS A 455 17.81 32.68 -1.46
N GLU A 456 18.47 33.50 -2.31
CA GLU A 456 17.87 34.48 -3.21
C GLU A 456 17.04 33.77 -4.30
N ASP A 457 17.59 32.69 -4.90
CA ASP A 457 16.93 31.90 -5.92
C ASP A 457 15.84 31.01 -5.31
N VAL A 458 16.10 30.42 -4.11
CA VAL A 458 15.18 29.55 -3.37
C VAL A 458 13.96 30.30 -2.77
N ALA A 459 14.06 31.65 -2.59
CA ALA A 459 12.99 32.51 -2.09
C ALA A 459 12.07 32.91 -3.24
N GLN A 460 12.65 33.22 -4.42
CA GLN A 460 11.94 33.59 -5.66
C GLN A 460 11.05 32.44 -6.14
N MET A 461 11.51 31.18 -5.95
CA MET A 461 10.76 29.96 -6.30
C MET A 461 9.52 29.82 -5.40
N LEU A 462 9.66 30.11 -4.09
CA LEU A 462 8.56 30.05 -3.14
C LEU A 462 7.46 31.07 -3.48
N TYR A 463 7.86 32.28 -3.95
CA TYR A 463 6.95 33.35 -4.39
C TYR A 463 6.11 32.90 -5.60
N LEU A 464 6.66 31.97 -6.41
CA LEU A 464 5.94 31.40 -7.55
C LEU A 464 5.15 30.17 -7.12
N LEU A 465 5.68 29.38 -6.16
CA LEU A 465 4.99 28.19 -5.64
C LEU A 465 3.75 28.55 -4.82
N CYS A 466 3.75 29.75 -4.19
CA CYS A 466 2.64 30.25 -3.39
C CYS A 466 1.51 30.85 -4.23
N SER A 467 1.82 31.29 -5.46
CA SER A 467 0.84 31.83 -6.40
C SER A 467 0.51 30.77 -7.46
N TRP A 468 1.21 29.62 -7.41
CA TRP A 468 1.07 28.48 -8.32
C TRP A 468 -0.29 27.81 -8.23
N PRO A 469 -0.97 27.56 -9.40
CA PRO A 469 -2.27 26.88 -9.36
C PRO A 469 -2.17 25.41 -8.98
N GLU A 470 -3.25 24.86 -8.39
CA GLU A 470 -3.33 23.46 -7.98
C GLU A 470 -3.05 22.51 -9.15
N LEU A 471 -2.31 21.43 -8.87
CA LEU A 471 -1.91 20.42 -9.84
C LEU A 471 -2.76 19.15 -9.77
N PRO A 472 -2.88 18.35 -10.88
CA PRO A 472 -3.67 17.10 -10.80
C PRO A 472 -2.98 16.06 -9.91
N VAL A 473 -3.77 15.11 -9.36
CA VAL A 473 -3.30 14.04 -8.47
C VAL A 473 -2.03 13.36 -8.97
N LEU A 474 -1.90 13.18 -10.31
CA LEU A 474 -0.73 12.56 -10.94
C LEU A 474 0.53 13.43 -10.78
N SER A 475 0.42 14.73 -11.06
CA SER A 475 1.53 15.66 -10.94
C SER A 475 1.95 15.87 -9.48
N ALA A 476 0.98 15.74 -8.54
CA ALA A 476 1.22 15.88 -7.10
C ALA A 476 1.97 14.67 -6.54
N LEU A 477 1.77 13.47 -7.14
CA LEU A 477 2.41 12.20 -6.74
C LEU A 477 3.92 12.18 -7.01
N GLU A 478 4.39 13.00 -7.97
CA GLU A 478 5.79 13.15 -8.36
C GLU A 478 6.49 14.04 -7.33
N LEU A 479 5.81 15.15 -6.93
CA LEU A 479 6.30 16.13 -5.95
C LEU A 479 6.45 15.54 -4.54
N LEU A 480 5.84 14.36 -4.29
CA LEU A 480 5.94 13.66 -3.00
C LEU A 480 7.29 12.95 -2.81
N ASP A 481 8.05 12.72 -3.92
CA ASP A 481 9.36 12.05 -3.93
C ASP A 481 10.45 12.83 -3.17
N PHE A 482 11.57 12.13 -2.83
CA PHE A 482 12.69 12.69 -2.07
C PHE A 482 13.46 13.77 -2.85
N SER A 483 13.34 13.79 -4.19
CA SER A 483 13.95 14.79 -5.06
C SER A 483 13.37 16.19 -4.77
N PHE A 484 12.18 16.26 -4.12
CA PHE A 484 11.47 17.49 -3.75
C PHE A 484 11.29 17.53 -2.21
N PRO A 485 12.33 17.93 -1.46
CA PRO A 485 12.22 17.91 0.02
C PRO A 485 11.73 19.19 0.71
N ASP A 486 11.53 20.31 -0.02
CA ASP A 486 11.08 21.57 0.58
C ASP A 486 9.68 21.47 1.20
N CYS A 487 9.48 22.10 2.37
CA CYS A 487 8.21 22.11 3.13
C CYS A 487 7.06 22.71 2.34
N TYR A 488 7.33 23.81 1.62
CA TYR A 488 6.33 24.50 0.82
C TYR A 488 6.02 23.71 -0.44
N VAL A 489 7.01 22.97 -0.96
CA VAL A 489 6.84 22.10 -2.13
C VAL A 489 5.99 20.88 -1.68
N GLY A 490 6.28 20.39 -0.47
CA GLY A 490 5.60 19.26 0.16
C GLY A 490 4.16 19.57 0.53
N SER A 491 3.92 20.75 1.12
CA SER A 491 2.58 21.22 1.50
C SER A 491 1.72 21.45 0.24
N PHE A 492 2.33 21.97 -0.87
CA PHE A 492 1.70 22.18 -2.16
C PHE A 492 1.22 20.85 -2.75
N ALA A 493 2.05 19.80 -2.65
CA ALA A 493 1.75 18.46 -3.13
C ALA A 493 0.56 17.86 -2.37
N ILE A 494 0.56 17.94 -1.03
CA ILE A 494 -0.53 17.44 -0.18
C ILE A 494 -1.82 18.27 -0.39
N LYS A 495 -1.67 19.60 -0.67
CA LYS A 495 -2.79 20.49 -0.95
C LYS A 495 -3.45 20.09 -2.26
N SER A 496 -2.63 19.62 -3.23
CA SER A 496 -3.13 19.15 -4.53
C SER A 496 -3.74 17.77 -4.41
N LEU A 497 -3.19 16.92 -3.51
CA LEU A 497 -3.65 15.57 -3.23
C LEU A 497 -4.96 15.53 -2.42
N ARG A 498 -5.37 16.65 -1.82
CA ARG A 498 -6.61 16.73 -1.04
C ARG A 498 -7.86 16.42 -1.90
N LYS A 499 -7.74 16.55 -3.23
CA LYS A 499 -8.79 16.28 -4.21
C LYS A 499 -8.91 14.79 -4.54
N LEU A 500 -8.07 13.93 -3.91
CA LEU A 500 -8.08 12.48 -4.11
C LEU A 500 -9.40 11.89 -3.62
N THR A 501 -9.89 10.86 -4.34
CA THR A 501 -11.10 10.13 -3.98
C THR A 501 -10.65 9.22 -2.85
N ASP A 502 -11.56 8.81 -1.94
CA ASP A 502 -11.17 7.85 -0.89
C ASP A 502 -10.72 6.52 -1.54
N ASP A 503 -11.36 6.13 -2.67
CA ASP A 503 -11.00 4.94 -3.44
C ASP A 503 -9.65 5.09 -4.17
N GLU A 504 -9.29 6.32 -4.60
CA GLU A 504 -8.02 6.67 -5.27
C GLU A 504 -6.90 6.74 -4.24
N LEU A 505 -7.19 7.36 -3.09
CA LEU A 505 -6.26 7.49 -1.97
C LEU A 505 -5.84 6.10 -1.52
N PHE A 506 -6.80 5.16 -1.49
CA PHE A 506 -6.61 3.76 -1.15
C PHE A 506 -5.69 3.06 -2.14
N GLN A 507 -5.84 3.36 -3.45
CA GLN A 507 -5.03 2.76 -4.49
C GLN A 507 -3.53 3.14 -4.36
N TYR A 508 -3.24 4.32 -3.77
CA TYR A 508 -1.88 4.82 -3.58
C TYR A 508 -1.45 4.90 -2.11
N LEU A 509 -2.30 4.42 -1.17
CA LEU A 509 -2.03 4.47 0.28
C LEU A 509 -0.68 3.85 0.68
N LEU A 510 -0.30 2.71 0.07
CA LEU A 510 0.96 2.04 0.35
C LEU A 510 2.14 2.98 0.08
N GLN A 511 2.13 3.66 -1.07
CA GLN A 511 3.17 4.59 -1.51
C GLN A 511 3.24 5.84 -0.64
N LEU A 512 2.09 6.36 -0.18
CA LEU A 512 2.08 7.55 0.69
C LEU A 512 2.69 7.27 2.05
N VAL A 513 2.52 6.04 2.55
CA VAL A 513 3.08 5.59 3.83
C VAL A 513 4.61 5.50 3.73
N GLN A 514 5.12 5.02 2.57
CA GLN A 514 6.55 4.89 2.33
C GLN A 514 7.23 6.24 2.31
N VAL A 515 6.55 7.26 1.79
CA VAL A 515 6.95 8.67 1.70
C VAL A 515 7.10 9.27 3.12
N LEU A 516 6.41 8.69 4.14
CA LEU A 516 6.55 9.10 5.55
C LEU A 516 7.95 8.84 6.06
N LYS A 517 8.69 7.90 5.42
CA LYS A 517 10.09 7.58 5.71
C LYS A 517 11.03 8.69 5.21
N TYR A 518 10.60 9.47 4.19
CA TYR A 518 11.36 10.60 3.62
C TYR A 518 11.21 11.86 4.48
N GLU A 519 10.12 11.94 5.30
CA GLU A 519 9.80 13.08 6.18
C GLU A 519 10.92 13.38 7.16
N SER A 520 11.22 14.67 7.33
CA SER A 520 12.29 15.22 8.16
C SER A 520 11.90 15.44 9.63
N TYR A 521 10.61 15.74 9.89
CA TYR A 521 10.09 16.00 11.25
C TYR A 521 8.86 15.13 11.50
N LEU A 522 8.55 14.83 12.77
CA LEU A 522 7.41 13.98 13.13
C LEU A 522 6.05 14.61 12.75
N ASP A 523 5.82 15.88 13.12
CA ASP A 523 4.59 16.62 12.77
C ASP A 523 4.78 17.15 11.35
N CYS A 524 4.08 16.53 10.40
CA CYS A 524 4.17 16.92 9.00
C CYS A 524 2.80 16.94 8.34
N GLU A 525 2.66 17.72 7.25
CA GLU A 525 1.42 17.87 6.50
C GLU A 525 0.89 16.52 5.98
N LEU A 526 1.78 15.55 5.70
CA LEU A 526 1.38 14.22 5.23
C LEU A 526 0.80 13.38 6.34
N THR A 527 1.44 13.37 7.55
CA THR A 527 0.94 12.64 8.72
C THR A 527 -0.47 13.14 9.05
N LYS A 528 -0.68 14.48 9.01
CA LYS A 528 -1.98 15.10 9.26
C LYS A 528 -3.00 14.68 8.20
N PHE A 529 -2.62 14.69 6.92
CA PHE A 529 -3.51 14.32 5.81
C PHE A 529 -3.91 12.87 5.90
N LEU A 530 -2.92 11.96 6.05
CA LEU A 530 -3.16 10.53 6.14
C LEU A 530 -4.01 10.16 7.35
N LEU A 531 -3.78 10.81 8.49
CA LEU A 531 -4.54 10.61 9.74
C LEU A 531 -5.96 11.19 9.63
N GLY A 532 -6.08 12.37 9.02
CA GLY A 532 -7.35 13.04 8.81
C GLY A 532 -8.31 12.25 7.94
N ARG A 533 -7.77 11.63 6.87
CA ARG A 533 -8.52 10.81 5.91
C ARG A 533 -8.81 9.44 6.51
N ALA A 534 -7.89 8.93 7.37
CA ALA A 534 -8.02 7.66 8.08
C ALA A 534 -9.19 7.69 9.05
N LEU A 535 -9.40 8.84 9.72
CA LEU A 535 -10.48 9.04 10.68
C LEU A 535 -11.79 9.34 10.00
N ALA A 536 -11.74 9.67 8.70
CA ALA A 536 -12.89 9.99 7.86
C ALA A 536 -13.44 8.74 7.16
N ASN A 537 -12.65 7.65 7.09
CA ASN A 537 -12.99 6.39 6.41
C ASN A 537 -12.41 5.20 7.20
N ARG A 538 -13.27 4.31 7.73
CA ARG A 538 -12.80 3.16 8.53
C ARG A 538 -11.92 2.17 7.73
N LYS A 539 -12.15 2.06 6.39
CA LYS A 539 -11.36 1.22 5.48
C LYS A 539 -9.96 1.80 5.29
N ILE A 540 -9.82 3.14 5.12
CA ILE A 540 -8.52 3.81 4.97
C ILE A 540 -7.73 3.80 6.29
N GLY A 541 -8.43 3.89 7.42
CA GLY A 541 -7.83 3.83 8.75
C GLY A 541 -7.36 2.44 9.12
N HIS A 542 -8.09 1.42 8.64
CA HIS A 542 -7.78 -0.01 8.83
C HIS A 542 -6.43 -0.34 8.19
N PHE A 543 -6.29 -0.05 6.87
CA PHE A 543 -5.10 -0.36 6.09
C PHE A 543 -3.91 0.51 6.44
N LEU A 544 -4.15 1.78 6.85
CA LEU A 544 -3.08 2.68 7.29
C LEU A 544 -2.47 2.05 8.53
N PHE A 545 -3.32 1.53 9.44
CA PHE A 545 -2.89 0.87 10.68
C PHE A 545 -1.90 -0.26 10.39
N TRP A 546 -2.30 -1.25 9.54
CA TRP A 546 -1.50 -2.42 9.18
C TRP A 546 -0.27 -2.09 8.36
N HIS A 547 -0.28 -0.98 7.61
CA HIS A 547 0.90 -0.53 6.85
C HIS A 547 1.95 0.02 7.82
N LEU A 548 1.49 0.58 8.97
CA LEU A 548 2.35 1.14 10.01
C LEU A 548 2.78 0.08 11.02
N ARG A 549 1.85 -0.77 11.45
CA ARG A 549 2.06 -1.85 12.43
C ARG A 549 3.03 -2.90 11.92
N SER A 550 2.97 -3.21 10.61
CA SER A 550 3.85 -4.19 9.96
C SER A 550 5.33 -3.75 9.85
N GLU A 551 5.66 -2.47 10.17
CA GLU A 551 7.04 -1.93 10.13
C GLU A 551 7.58 -1.53 11.51
N MET A 552 6.92 -1.99 12.59
CA MET A 552 7.32 -1.71 13.97
C MET A 552 8.60 -2.43 14.39
N HIS A 553 8.98 -3.50 13.65
CA HIS A 553 10.22 -4.24 13.89
C HIS A 553 11.42 -3.43 13.36
N VAL A 554 11.20 -2.61 12.31
CA VAL A 554 12.21 -1.75 11.68
C VAL A 554 12.54 -0.60 12.65
N PRO A 555 13.79 -0.55 13.17
CA PRO A 555 14.15 0.50 14.14
C PRO A 555 14.00 1.95 13.67
N SER A 556 14.26 2.23 12.37
CA SER A 556 14.18 3.58 11.81
C SER A 556 12.77 4.17 11.76
N VAL A 557 11.77 3.36 11.37
CA VAL A 557 10.37 3.76 11.27
C VAL A 557 9.59 3.62 12.59
N ALA A 558 9.98 2.65 13.46
CA ALA A 558 9.34 2.29 14.74
C ALA A 558 8.80 3.44 15.60
N LEU A 559 9.50 4.59 15.71
CA LEU A 559 9.02 5.72 16.50
C LEU A 559 7.92 6.48 15.80
N ARG A 560 8.18 6.94 14.56
CA ARG A 560 7.23 7.67 13.72
C ARG A 560 5.89 6.93 13.65
N PHE A 561 5.93 5.69 13.15
CA PHE A 561 4.78 4.81 12.97
C PHE A 561 4.01 4.54 14.27
N GLY A 562 4.75 4.28 15.36
CA GLY A 562 4.19 4.04 16.68
C GLY A 562 3.34 5.19 17.16
N LEU A 563 3.89 6.42 17.06
CA LEU A 563 3.24 7.69 17.42
C LEU A 563 2.00 8.00 16.55
N ILE A 564 2.01 7.59 15.26
CA ILE A 564 0.90 7.81 14.31
C ILE A 564 -0.27 6.89 14.69
N MET A 565 0.04 5.62 14.99
CA MET A 565 -0.97 4.62 15.40
C MET A 565 -1.61 5.02 16.73
N GLU A 566 -0.79 5.52 17.70
CA GLU A 566 -1.27 5.98 19.01
C GLU A 566 -2.29 7.10 18.82
N ALA A 567 -1.96 8.10 17.97
CA ALA A 567 -2.83 9.23 17.65
C ALA A 567 -4.16 8.75 17.03
N TYR A 568 -4.12 7.76 16.10
CA TYR A 568 -5.33 7.20 15.48
C TYR A 568 -6.21 6.54 16.53
N CYS A 569 -5.58 5.78 17.47
CA CYS A 569 -6.26 5.10 18.57
C CYS A 569 -6.89 6.10 19.53
N ARG A 570 -6.25 7.29 19.68
CA ARG A 570 -6.76 8.40 20.51
C ARG A 570 -8.09 8.92 19.97
N GLY A 571 -8.31 8.74 18.66
CA GLY A 571 -9.52 9.13 17.95
C GLY A 571 -10.34 7.98 17.37
N SER A 572 -10.07 6.72 17.82
CA SER A 572 -10.79 5.52 17.40
C SER A 572 -10.79 4.46 18.51
N THR A 573 -11.48 4.76 19.65
CA THR A 573 -11.57 3.87 20.81
C THR A 573 -12.20 2.52 20.46
N HIS A 574 -13.24 2.53 19.60
CA HIS A 574 -13.90 1.30 19.15
C HIS A 574 -13.05 0.53 18.14
N HIS A 575 -12.60 1.20 17.04
CA HIS A 575 -11.77 0.57 16.00
C HIS A 575 -10.47 0.00 16.56
N MET A 576 -9.91 0.60 17.64
CA MET A 576 -8.74 0.12 18.38
C MET A 576 -9.03 -1.31 18.87
N LYS A 577 -10.21 -1.52 19.48
CA LYS A 577 -10.65 -2.81 20.00
C LYS A 577 -10.90 -3.82 18.87
N VAL A 578 -11.36 -3.32 17.69
CA VAL A 578 -11.61 -4.12 16.49
C VAL A 578 -10.29 -4.66 15.99
N LEU A 579 -9.28 -3.79 15.87
CA LEU A 579 -7.93 -4.13 15.44
C LEU A 579 -7.21 -5.00 16.48
N MET A 580 -7.51 -4.82 17.79
CA MET A 580 -6.95 -5.60 18.90
C MET A 580 -7.33 -7.05 18.74
N LYS A 581 -8.60 -7.31 18.35
CA LYS A 581 -9.12 -8.65 18.10
C LYS A 581 -8.36 -9.28 16.93
N GLN A 582 -8.14 -8.51 15.85
CA GLN A 582 -7.38 -8.91 14.66
C GLN A 582 -5.97 -9.30 15.07
N GLY A 583 -5.33 -8.43 15.87
CA GLY A 583 -3.99 -8.62 16.42
C GLY A 583 -3.87 -9.79 17.37
N GLU A 584 -4.95 -10.12 18.10
CA GLU A 584 -5.00 -11.25 19.03
C GLU A 584 -4.98 -12.56 18.22
N ALA A 585 -5.78 -12.63 17.12
CA ALA A 585 -5.86 -13.78 16.21
C ALA A 585 -4.50 -14.09 15.60
N LEU A 586 -3.80 -13.04 15.09
CA LEU A 586 -2.48 -13.13 14.46
C LEU A 586 -1.37 -13.59 15.40
N SER A 587 -1.58 -13.46 16.73
CA SER A 587 -0.64 -13.90 17.76
C SER A 587 -0.79 -15.41 17.93
N LYS A 588 -2.04 -15.89 17.93
CA LYS A 588 -2.37 -17.31 18.05
C LYS A 588 -1.89 -18.06 16.82
N LEU A 589 -2.02 -17.43 15.63
CA LEU A 589 -1.61 -17.96 14.33
C LEU A 589 -0.08 -18.09 14.22
N LYS A 590 0.71 -17.17 14.84
CA LYS A 590 2.18 -17.26 14.88
C LYS A 590 2.56 -18.43 15.79
N ALA A 591 1.91 -18.52 16.97
CA ALA A 591 2.13 -19.59 17.95
C ALA A 591 1.75 -20.95 17.35
N LEU A 592 0.67 -21.00 16.54
CA LEU A 592 0.18 -22.22 15.90
C LEU A 592 1.10 -22.57 14.74
N ASN A 593 1.55 -21.57 13.95
CA ASN A 593 2.47 -21.81 12.84
C ASN A 593 3.81 -22.34 13.32
N ASP A 594 4.33 -21.83 14.45
CA ASP A 594 5.58 -22.28 15.09
C ASP A 594 5.48 -23.77 15.50
N PHE A 595 4.29 -24.21 15.94
CA PHE A 595 4.03 -25.61 16.30
C PHE A 595 4.10 -26.45 15.05
N VAL A 596 3.37 -26.05 13.98
CA VAL A 596 3.33 -26.70 12.67
C VAL A 596 4.76 -26.81 12.10
N LYS A 597 5.56 -25.72 12.21
CA LYS A 597 6.96 -25.68 11.76
C LYS A 597 7.83 -26.71 12.53
N VAL A 598 7.68 -26.81 13.87
CA VAL A 598 8.45 -27.77 14.67
C VAL A 598 7.99 -29.20 14.45
N SER A 599 6.67 -29.46 14.54
CA SER A 599 6.04 -30.78 14.37
C SER A 599 6.21 -31.40 12.97
N SER A 600 6.10 -30.60 11.89
CA SER A 600 6.22 -31.05 10.49
C SER A 600 7.50 -31.87 10.24
N GLN A 601 8.62 -31.40 10.84
CA GLN A 601 9.94 -32.03 10.78
C GLN A 601 10.00 -33.36 11.57
N LYS A 602 9.04 -33.60 12.49
CA LYS A 602 9.00 -34.78 13.33
C LYS A 602 8.01 -35.87 12.88
N THR A 603 6.80 -35.52 12.37
CA THR A 603 5.81 -36.54 11.96
C THR A 603 5.14 -36.34 10.57
N THR A 604 4.35 -37.37 10.18
CA THR A 604 3.54 -37.48 8.96
C THR A 604 2.53 -36.31 8.92
N LYS A 605 2.29 -35.68 7.74
CA LYS A 605 1.36 -34.54 7.64
C LYS A 605 0.00 -34.82 8.33
N PRO A 606 -0.71 -35.96 8.10
CA PRO A 606 -1.97 -36.18 8.84
C PRO A 606 -1.83 -36.08 10.35
N GLN A 607 -0.69 -36.53 10.91
CA GLN A 607 -0.41 -36.43 12.34
C GLN A 607 -0.26 -34.98 12.80
N THR A 608 0.49 -34.13 12.05
CA THR A 608 0.67 -32.69 12.35
C THR A 608 -0.66 -31.92 12.17
N LYS A 609 -1.41 -32.24 11.10
CA LYS A 609 -2.71 -31.63 10.79
C LYS A 609 -3.70 -31.88 11.93
N GLU A 610 -3.74 -33.14 12.46
CA GLU A 610 -4.59 -33.53 13.59
C GLU A 610 -4.15 -32.84 14.88
N MET A 611 -2.84 -32.67 15.07
CA MET A 611 -2.20 -32.00 16.22
C MET A 611 -2.52 -30.51 16.23
N MET A 612 -2.56 -29.89 15.04
CA MET A 612 -2.89 -28.49 14.80
C MET A 612 -4.35 -28.23 15.21
N HIS A 613 -5.27 -29.13 14.81
CA HIS A 613 -6.70 -29.07 15.10
C HIS A 613 -6.96 -29.14 16.59
N MET A 614 -6.28 -30.06 17.31
CA MET A 614 -6.39 -30.19 18.78
C MET A 614 -5.99 -28.90 19.48
N CYS A 615 -4.93 -28.25 18.95
CA CYS A 615 -4.41 -26.98 19.44
C CYS A 615 -5.41 -25.87 19.16
N MET A 616 -6.01 -25.87 17.96
CA MET A 616 -7.02 -24.91 17.51
C MET A 616 -8.31 -25.05 18.31
N ARG A 617 -8.66 -26.27 18.74
CA ARG A 617 -9.91 -26.55 19.47
C ARG A 617 -9.86 -26.10 20.93
N GLN A 618 -8.69 -25.60 21.39
CA GLN A 618 -8.50 -25.07 22.75
C GLN A 618 -9.33 -23.81 22.91
N GLU A 619 -9.90 -23.63 24.11
CA GLU A 619 -10.73 -22.46 24.45
C GLU A 619 -10.05 -21.18 23.98
N THR A 620 -8.79 -20.96 24.42
CA THR A 620 -7.93 -19.81 24.11
C THR A 620 -7.84 -19.47 22.61
N TYR A 621 -7.72 -20.52 21.75
CA TYR A 621 -7.61 -20.43 20.29
C TYR A 621 -8.95 -20.19 19.62
N MET A 622 -9.99 -20.99 20.00
CA MET A 622 -11.34 -20.90 19.44
C MET A 622 -11.90 -19.49 19.63
N GLU A 623 -11.69 -18.92 20.83
CA GLU A 623 -12.11 -17.58 21.21
C GLU A 623 -11.41 -16.53 20.34
N ALA A 624 -10.07 -16.60 20.26
CA ALA A 624 -9.20 -15.67 19.54
C ALA A 624 -9.37 -15.69 18.03
N LEU A 625 -9.37 -16.88 17.43
CA LEU A 625 -9.44 -17.04 15.97
C LEU A 625 -10.81 -16.77 15.36
N SER A 626 -11.87 -16.71 16.17
CA SER A 626 -13.22 -16.52 15.67
C SER A 626 -13.78 -15.13 15.87
N HIS A 627 -14.84 -14.80 15.11
CA HIS A 627 -15.61 -13.56 15.16
C HIS A 627 -14.74 -12.31 15.09
N LEU A 628 -14.04 -12.15 13.96
CA LEU A 628 -13.17 -11.01 13.73
C LEU A 628 -13.28 -10.48 12.28
N GLN A 629 -12.88 -9.24 12.04
CA GLN A 629 -12.87 -8.67 10.70
C GLN A 629 -11.58 -9.12 10.03
N SER A 630 -11.65 -9.49 8.75
CA SER A 630 -10.46 -9.92 8.02
C SER A 630 -9.47 -8.76 7.88
N PRO A 631 -8.22 -8.90 8.36
CA PRO A 631 -7.23 -7.82 8.16
C PRO A 631 -6.98 -7.49 6.68
N LEU A 632 -7.22 -8.45 5.76
CA LEU A 632 -7.06 -8.26 4.31
C LEU A 632 -8.22 -7.41 3.72
N ASP A 633 -9.42 -7.46 4.35
CA ASP A 633 -10.62 -6.76 3.90
C ASP A 633 -11.62 -6.61 5.07
N PRO A 634 -11.65 -5.41 5.71
CA PRO A 634 -12.54 -5.20 6.86
C PRO A 634 -14.02 -5.55 6.67
N SER A 635 -14.53 -5.60 5.42
CA SER A 635 -15.93 -5.91 5.11
C SER A 635 -16.22 -7.42 5.14
N THR A 636 -15.16 -8.25 5.09
CA THR A 636 -15.26 -9.70 5.16
C THR A 636 -15.09 -10.11 6.62
N LEU A 637 -16.14 -10.66 7.22
CA LEU A 637 -16.13 -11.06 8.62
C LEU A 637 -15.72 -12.52 8.74
N LEU A 638 -14.56 -12.75 9.37
CA LEU A 638 -14.04 -14.06 9.64
C LEU A 638 -14.79 -14.49 10.91
N GLU A 639 -15.92 -15.21 10.73
CA GLU A 639 -16.81 -15.60 11.82
C GLU A 639 -16.41 -16.91 12.52
N GLU A 640 -17.04 -18.05 12.17
CA GLU A 640 -16.78 -19.33 12.81
C GLU A 640 -15.63 -20.07 12.11
N VAL A 641 -14.51 -20.33 12.83
CA VAL A 641 -13.35 -21.04 12.27
C VAL A 641 -13.67 -22.52 12.05
N CYS A 642 -13.47 -23.00 10.80
CA CYS A 642 -13.70 -24.38 10.41
C CYS A 642 -12.46 -25.23 10.59
N VAL A 643 -12.18 -25.56 11.85
CA VAL A 643 -11.05 -26.38 12.33
C VAL A 643 -10.85 -27.65 11.50
N GLU A 644 -11.95 -28.33 11.13
CA GLU A 644 -11.90 -29.56 10.33
C GLU A 644 -11.35 -29.32 8.92
N GLN A 645 -11.60 -28.13 8.35
CA GLN A 645 -11.17 -27.77 7.00
C GLN A 645 -9.85 -26.96 6.97
N CYS A 646 -9.25 -26.73 8.16
CA CYS A 646 -7.97 -26.04 8.34
C CYS A 646 -6.82 -27.04 8.13
N THR A 647 -5.65 -26.54 7.71
CA THR A 647 -4.45 -27.33 7.45
C THR A 647 -3.25 -26.39 7.26
N PHE A 648 -2.15 -26.91 6.72
CA PHE A 648 -0.96 -26.12 6.42
C PHE A 648 -0.44 -26.52 5.05
N MET A 649 0.18 -25.58 4.35
CA MET A 649 0.73 -25.76 3.02
C MET A 649 2.14 -26.32 3.09
N ASP A 650 2.55 -27.04 2.04
CA ASP A 650 3.82 -27.76 1.99
C ASP A 650 5.06 -26.90 1.63
N SER A 651 4.89 -25.56 1.42
CA SER A 651 5.97 -24.59 1.16
C SER A 651 6.94 -24.54 2.37
N LYS A 652 8.20 -24.08 2.13
CA LYS A 652 9.30 -24.04 3.12
C LYS A 652 8.90 -23.55 4.52
N MET A 653 8.15 -22.41 4.58
CA MET A 653 7.71 -21.74 5.82
C MET A 653 6.38 -22.24 6.36
N LYS A 654 5.95 -23.46 5.90
CA LYS A 654 4.70 -24.15 6.27
C LYS A 654 3.51 -23.15 6.47
N PRO A 655 3.06 -22.42 5.41
CA PRO A 655 1.97 -21.45 5.59
C PRO A 655 0.67 -22.10 6.05
N LEU A 656 -0.16 -21.39 6.84
CA LEU A 656 -1.41 -21.96 7.37
C LEU A 656 -2.61 -21.68 6.50
N TRP A 657 -3.44 -22.68 6.32
CA TRP A 657 -4.69 -22.61 5.57
C TRP A 657 -5.80 -22.61 6.61
N ILE A 658 -6.40 -21.43 6.88
CA ILE A 658 -7.44 -21.28 7.89
C ILE A 658 -8.75 -20.93 7.23
N MET A 659 -9.69 -21.88 7.28
CA MET A 659 -11.02 -21.76 6.71
C MET A 659 -12.02 -21.25 7.75
N TYR A 660 -12.93 -20.35 7.32
CA TYR A 660 -14.00 -19.73 8.10
C TYR A 660 -15.38 -20.02 7.47
N SER A 661 -16.48 -19.96 8.26
CA SER A 661 -17.84 -20.22 7.77
C SER A 661 -18.96 -19.55 8.58
N SER A 662 -19.45 -18.40 8.08
CA SER A 662 -20.58 -17.65 8.67
C SER A 662 -21.90 -18.23 8.19
N GLU A 663 -22.87 -18.34 9.12
CA GLU A 663 -24.22 -18.86 8.86
C GLU A 663 -25.10 -17.76 8.23
N GLU A 664 -25.01 -16.52 8.78
CA GLU A 664 -25.76 -15.33 8.34
C GLU A 664 -25.47 -14.90 6.89
N ALA A 665 -24.33 -15.33 6.32
CA ALA A 665 -23.90 -15.01 4.96
C ALA A 665 -24.03 -16.19 3.98
N GLY A 666 -24.21 -17.39 4.53
CA GLY A 666 -24.34 -18.62 3.75
C GLY A 666 -23.05 -18.99 3.05
N SER A 667 -23.08 -19.05 1.70
CA SER A 667 -21.92 -19.34 0.85
C SER A 667 -20.86 -18.22 0.89
N ALA A 668 -21.31 -16.95 1.12
CA ALA A 668 -20.46 -15.75 1.19
C ALA A 668 -19.67 -15.66 2.51
N GLY A 669 -20.08 -16.43 3.50
CA GLY A 669 -19.42 -16.53 4.80
C GLY A 669 -18.29 -17.55 4.77
N ASN A 670 -18.33 -18.45 3.77
CA ASN A 670 -17.32 -19.48 3.55
C ASN A 670 -16.15 -18.80 2.85
N VAL A 671 -15.17 -18.34 3.66
CA VAL A 671 -13.97 -17.62 3.24
C VAL A 671 -12.74 -18.22 3.92
N GLY A 672 -11.56 -18.01 3.36
CA GLY A 672 -10.32 -18.49 3.92
C GLY A 672 -9.21 -17.46 3.90
N ILE A 673 -8.21 -17.65 4.80
CA ILE A 673 -7.01 -16.81 4.92
C ILE A 673 -5.78 -17.73 4.98
N ILE A 674 -4.59 -17.18 4.62
CA ILE A 674 -3.31 -17.88 4.65
C ILE A 674 -2.34 -17.09 5.52
N PHE A 675 -1.85 -17.68 6.60
CA PHE A 675 -0.88 -17.02 7.45
C PHE A 675 0.51 -17.53 7.10
N LYS A 676 1.41 -16.62 6.71
CA LYS A 676 2.79 -16.97 6.40
C LYS A 676 3.76 -16.12 7.20
N ASN A 677 4.56 -16.81 8.03
CA ASN A 677 5.58 -16.22 8.88
C ASN A 677 6.94 -16.77 8.40
N GLY A 678 7.90 -15.88 8.18
CA GLY A 678 9.23 -16.26 7.71
C GLY A 678 9.73 -15.50 6.49
N ASP A 679 8.84 -15.16 5.56
CA ASP A 679 9.20 -14.46 4.33
C ASP A 679 8.60 -13.07 4.22
N ASP A 680 9.21 -12.23 3.37
CA ASP A 680 8.78 -10.88 3.05
C ASP A 680 7.53 -10.97 2.14
N LEU A 681 6.45 -10.25 2.51
CA LEU A 681 5.17 -10.22 1.77
C LEU A 681 4.92 -8.86 1.10
N ARG A 682 5.90 -7.95 1.23
CA ARG A 682 5.89 -6.58 0.73
C ARG A 682 5.83 -6.46 -0.78
N GLN A 683 6.70 -7.20 -1.50
CA GLN A 683 6.77 -7.20 -2.95
C GLN A 683 5.53 -7.87 -3.57
N ASP A 684 5.04 -8.95 -2.94
CA ASP A 684 3.82 -9.65 -3.36
C ASP A 684 2.67 -8.68 -3.25
N MET A 685 2.58 -7.93 -2.10
CA MET A 685 1.56 -6.91 -1.86
C MET A 685 1.67 -5.78 -2.87
N LEU A 686 2.90 -5.29 -3.12
CA LEU A 686 3.15 -4.24 -4.11
C LEU A 686 2.72 -4.68 -5.51
N THR A 687 3.09 -5.90 -5.94
CA THR A 687 2.76 -6.45 -7.27
C THR A 687 1.25 -6.58 -7.47
N LEU A 688 0.54 -7.07 -6.45
CA LEU A 688 -0.91 -7.27 -6.50
C LEU A 688 -1.69 -5.95 -6.52
N GLN A 689 -1.14 -4.90 -5.89
CA GLN A 689 -1.72 -3.55 -5.91
C GLN A 689 -1.56 -2.95 -7.32
N MET A 690 -0.41 -3.25 -7.98
CA MET A 690 -0.06 -2.83 -9.33
C MET A 690 -0.91 -3.56 -10.36
N ILE A 691 -1.30 -4.83 -10.09
CA ILE A 691 -2.19 -5.64 -10.94
C ILE A 691 -3.63 -5.11 -10.78
N GLN A 692 -4.02 -4.73 -9.54
CA GLN A 692 -5.34 -4.16 -9.24
C GLN A 692 -5.48 -2.81 -9.94
N LEU A 693 -4.38 -2.02 -10.00
CA LEU A 693 -4.35 -0.72 -10.67
C LEU A 693 -4.55 -0.96 -12.16
N MET A 694 -3.85 -1.95 -12.73
CA MET A 694 -3.92 -2.37 -14.13
C MET A 694 -5.39 -2.71 -14.45
N ASP A 695 -6.01 -3.59 -13.65
CA ASP A 695 -7.41 -4.00 -13.78
C ASP A 695 -8.36 -2.79 -13.73
N VAL A 696 -8.09 -1.81 -12.86
CA VAL A 696 -8.90 -0.58 -12.75
C VAL A 696 -8.77 0.23 -14.04
N LEU A 697 -7.52 0.54 -14.46
CA LEU A 697 -7.19 1.29 -15.68
C LEU A 697 -7.75 0.62 -16.92
N TRP A 698 -7.80 -0.72 -16.92
CA TRP A 698 -8.34 -1.52 -18.00
C TRP A 698 -9.86 -1.38 -18.02
N LYS A 699 -10.53 -1.61 -16.86
CA LYS A 699 -12.00 -1.49 -16.72
C LYS A 699 -12.49 -0.07 -17.05
N GLN A 700 -11.75 0.98 -16.62
CA GLN A 700 -12.03 2.40 -16.89
C GLN A 700 -12.16 2.67 -18.40
N GLU A 701 -11.35 1.96 -19.23
CA GLU A 701 -11.35 2.06 -20.69
C GLU A 701 -12.10 0.87 -21.35
N GLY A 702 -13.11 0.37 -20.62
CA GLY A 702 -14.00 -0.72 -21.03
C GLY A 702 -13.41 -2.11 -21.19
N LEU A 703 -12.18 -2.35 -20.70
CA LEU A 703 -11.56 -3.67 -20.84
C LEU A 703 -11.48 -4.45 -19.52
N ASP A 704 -12.40 -5.41 -19.32
CA ASP A 704 -12.38 -6.26 -18.13
C ASP A 704 -11.64 -7.55 -18.49
N LEU A 705 -10.36 -7.65 -18.10
CA LEU A 705 -9.60 -8.85 -18.39
C LEU A 705 -9.67 -9.85 -17.23
N ARG A 706 -10.89 -9.98 -16.66
CA ARG A 706 -11.29 -10.88 -15.58
C ARG A 706 -10.12 -11.30 -14.70
N MET A 707 -9.54 -10.33 -13.99
CA MET A 707 -8.38 -10.51 -13.12
C MET A 707 -8.72 -10.96 -11.70
N THR A 708 -7.76 -11.60 -11.05
CA THR A 708 -7.92 -12.05 -9.68
C THR A 708 -6.85 -11.40 -8.80
N PRO A 709 -6.92 -10.06 -8.51
CA PRO A 709 -5.92 -9.45 -7.63
C PRO A 709 -6.28 -9.77 -6.17
N TYR A 710 -6.06 -11.04 -5.78
CA TYR A 710 -6.33 -11.56 -4.43
C TYR A 710 -5.62 -10.73 -3.34
N GLY A 711 -6.16 -10.78 -2.14
CA GLY A 711 -5.62 -10.04 -1.00
C GLY A 711 -4.30 -10.60 -0.50
N CYS A 712 -3.40 -9.70 -0.15
CA CYS A 712 -2.08 -9.99 0.40
C CYS A 712 -1.70 -8.78 1.22
N LEU A 713 -1.47 -8.98 2.52
CA LEU A 713 -1.15 -7.89 3.42
C LEU A 713 -0.13 -8.30 4.49
N PRO A 714 1.06 -7.65 4.54
CA PRO A 714 2.02 -7.91 5.64
C PRO A 714 1.47 -7.30 6.93
N THR A 715 1.56 -8.05 8.07
CA THR A 715 1.03 -7.59 9.37
C THR A 715 2.10 -7.46 10.47
N GLY A 716 3.29 -8.02 10.21
CA GLY A 716 4.42 -8.02 11.16
C GLY A 716 5.75 -8.34 10.53
N ASP A 717 6.72 -8.78 11.36
CA ASP A 717 8.09 -9.09 10.92
C ASP A 717 8.10 -10.41 10.17
N ARG A 718 8.21 -10.33 8.82
CA ARG A 718 8.21 -11.48 7.90
C ARG A 718 6.89 -12.28 7.98
N THR A 719 5.87 -11.65 8.55
CA THR A 719 4.53 -12.15 8.85
C THR A 719 3.49 -11.36 8.05
N GLY A 720 2.47 -12.07 7.58
CA GLY A 720 1.37 -11.48 6.83
C GLY A 720 0.29 -12.46 6.47
N LEU A 721 -0.79 -11.94 5.88
CA LEU A 721 -1.94 -12.74 5.41
C LEU A 721 -2.08 -12.69 3.89
N ILE A 722 -2.67 -13.76 3.32
CA ILE A 722 -2.98 -13.91 1.89
C ILE A 722 -4.42 -14.44 1.80
N GLU A 723 -5.27 -13.79 0.99
CA GLU A 723 -6.66 -14.17 0.79
C GLU A 723 -6.70 -15.45 -0.02
N VAL A 724 -7.57 -16.38 0.38
CA VAL A 724 -7.77 -17.65 -0.29
C VAL A 724 -8.71 -17.43 -1.47
N VAL A 725 -8.27 -17.83 -2.66
CA VAL A 725 -9.11 -17.78 -3.84
C VAL A 725 -9.76 -19.16 -3.83
N LEU A 726 -11.03 -19.22 -3.48
CA LEU A 726 -11.76 -20.48 -3.37
C LEU A 726 -12.01 -21.06 -4.75
N HIS A 727 -12.14 -22.38 -4.83
CA HIS A 727 -12.41 -23.10 -6.07
C HIS A 727 -11.36 -22.79 -7.14
N SER A 728 -10.10 -22.86 -6.74
CA SER A 728 -8.95 -22.65 -7.61
C SER A 728 -8.02 -23.82 -7.39
N ASP A 729 -7.06 -24.02 -8.30
CA ASP A 729 -6.08 -25.10 -8.24
C ASP A 729 -4.88 -24.63 -9.08
N THR A 730 -3.67 -25.13 -8.78
CA THR A 730 -2.47 -24.75 -9.55
C THR A 730 -2.49 -25.51 -10.88
N ILE A 731 -1.85 -24.94 -11.91
CA ILE A 731 -1.73 -25.57 -13.23
C ILE A 731 -1.00 -26.91 -13.07
N ALA A 732 0.02 -26.95 -12.21
CA ALA A 732 0.82 -28.13 -11.89
C ALA A 732 -0.02 -29.28 -11.33
N ASN A 733 -1.04 -28.97 -10.51
CA ASN A 733 -1.93 -29.98 -9.91
C ASN A 733 -2.88 -30.58 -10.94
N ILE A 734 -3.37 -29.75 -11.87
CA ILE A 734 -4.26 -30.18 -12.95
C ILE A 734 -3.46 -31.04 -13.95
N GLN A 735 -2.28 -30.56 -14.36
CA GLN A 735 -1.39 -31.24 -15.30
C GLN A 735 -0.83 -32.57 -14.79
N LEU A 736 -0.68 -32.71 -13.46
CA LEU A 736 -0.21 -33.97 -12.84
C LEU A 736 -1.23 -35.09 -13.01
N ASN A 737 -2.53 -34.73 -13.19
CA ASN A 737 -3.74 -35.56 -13.34
C ASN A 737 -4.19 -36.11 -11.99
N ALA A 745 -6.99 -37.98 -19.41
CA ALA A 745 -6.53 -37.27 -20.60
C ALA A 745 -5.49 -38.10 -21.35
N ALA A 746 -5.70 -38.27 -22.66
CA ALA A 746 -4.80 -39.03 -23.54
C ALA A 746 -3.49 -38.28 -23.79
N PHE A 747 -3.55 -36.94 -23.73
CA PHE A 747 -2.43 -36.01 -23.94
C PHE A 747 -2.37 -34.99 -22.82
N ASN A 748 -1.15 -34.75 -22.28
CA ASN A 748 -0.92 -33.79 -21.20
C ASN A 748 -1.35 -32.36 -21.60
N LYS A 749 -1.31 -32.05 -22.90
CA LYS A 749 -1.73 -30.74 -23.42
C LYS A 749 -3.23 -30.51 -23.21
N ASP A 750 -4.02 -31.60 -23.30
CA ASP A 750 -5.48 -31.63 -23.17
C ASP A 750 -6.00 -31.65 -21.72
N ALA A 751 -5.11 -31.82 -20.71
CA ALA A 751 -5.47 -31.90 -19.29
C ALA A 751 -6.21 -30.66 -18.78
N LEU A 752 -5.63 -29.48 -19.02
CA LEU A 752 -6.18 -28.18 -18.63
C LEU A 752 -7.54 -27.90 -19.30
N LEU A 753 -7.72 -28.27 -20.59
CA LEU A 753 -9.00 -28.06 -21.27
C LEU A 753 -10.04 -29.04 -20.76
N ASN A 754 -9.66 -30.32 -20.55
CA ASN A 754 -10.54 -31.37 -19.99
C ASN A 754 -10.94 -31.02 -18.56
N TRP A 755 -10.07 -30.28 -17.84
CA TRP A 755 -10.36 -29.82 -16.48
C TRP A 755 -11.49 -28.80 -16.49
N LEU A 756 -11.40 -27.79 -17.39
CA LEU A 756 -12.43 -26.76 -17.56
C LEU A 756 -13.72 -27.35 -18.09
N LYS A 757 -13.63 -28.49 -18.78
CA LYS A 757 -14.78 -29.21 -19.29
C LYS A 757 -15.52 -29.88 -18.11
N SER A 758 -14.77 -30.33 -17.08
CA SER A 758 -15.32 -30.98 -15.88
C SER A 758 -16.11 -30.00 -15.01
N LYS A 759 -15.59 -28.77 -14.87
CA LYS A 759 -16.10 -27.67 -14.05
C LYS A 759 -17.09 -26.76 -14.80
N ASN A 760 -17.10 -26.82 -16.15
CA ASN A 760 -17.98 -26.01 -16.98
C ASN A 760 -18.59 -26.89 -18.09
N PRO A 761 -19.54 -27.80 -17.72
CA PRO A 761 -20.11 -28.70 -18.73
C PRO A 761 -21.18 -28.03 -19.58
N GLY A 762 -21.39 -28.59 -20.78
CA GLY A 762 -22.36 -28.10 -21.73
C GLY A 762 -22.00 -26.72 -22.26
N GLU A 763 -23.00 -25.84 -22.33
CA GLU A 763 -22.85 -24.46 -22.82
C GLU A 763 -21.94 -23.57 -21.97
N ALA A 764 -21.59 -24.01 -20.74
CA ALA A 764 -20.75 -23.26 -19.80
C ALA A 764 -19.26 -23.17 -20.19
N LEU A 765 -18.75 -24.15 -20.98
CA LEU A 765 -17.35 -24.23 -21.43
C LEU A 765 -16.93 -23.00 -22.23
N ASP A 766 -17.81 -22.50 -23.13
CA ASP A 766 -17.59 -21.34 -23.98
C ASP A 766 -17.28 -20.05 -23.18
N ARG A 767 -17.97 -19.86 -22.03
CA ARG A 767 -17.74 -18.73 -21.12
C ARG A 767 -16.37 -18.88 -20.47
N ALA A 768 -16.05 -20.11 -19.99
CA ALA A 768 -14.78 -20.48 -19.35
C ALA A 768 -13.54 -20.28 -20.24
N ILE A 769 -13.60 -20.67 -21.54
CA ILE A 769 -12.48 -20.45 -22.48
C ILE A 769 -12.27 -18.94 -22.69
N GLU A 770 -13.37 -18.15 -22.68
CA GLU A 770 -13.31 -16.69 -22.83
C GLU A 770 -12.74 -16.05 -21.57
N GLU A 771 -13.16 -16.51 -20.38
CA GLU A 771 -12.68 -16.04 -19.07
C GLU A 771 -11.19 -16.28 -18.97
N PHE A 772 -10.74 -17.49 -19.41
CA PHE A 772 -9.35 -17.92 -19.45
C PHE A 772 -8.52 -16.97 -20.30
N THR A 773 -8.91 -16.79 -21.59
CA THR A 773 -8.25 -15.93 -22.58
C THR A 773 -8.03 -14.54 -22.05
N LEU A 774 -9.10 -13.89 -21.53
CA LEU A 774 -9.08 -12.54 -20.99
C LEU A 774 -8.07 -12.40 -19.84
N SER A 775 -8.20 -13.25 -18.79
CA SER A 775 -7.27 -13.30 -17.64
C SER A 775 -5.82 -13.62 -18.07
N CYS A 776 -5.65 -14.54 -19.04
CA CYS A 776 -4.36 -14.93 -19.61
C CYS A 776 -3.72 -13.73 -20.27
N ALA A 777 -4.47 -12.98 -21.09
CA ALA A 777 -4.00 -11.77 -21.76
C ALA A 777 -3.54 -10.73 -20.76
N GLY A 778 -4.37 -10.49 -19.75
CA GLY A 778 -4.09 -9.55 -18.68
C GLY A 778 -2.85 -9.91 -17.89
N TYR A 779 -2.71 -11.19 -17.52
CA TYR A 779 -1.56 -11.63 -16.76
C TYR A 779 -0.28 -11.73 -17.59
N CYS A 780 -0.39 -12.03 -18.89
CA CYS A 780 0.76 -12.09 -19.79
C CYS A 780 1.39 -10.71 -19.96
N VAL A 781 0.53 -9.66 -20.01
CA VAL A 781 0.94 -8.27 -20.10
C VAL A 781 1.53 -7.84 -18.74
N ALA A 782 0.79 -8.07 -17.64
CA ALA A 782 1.17 -7.73 -16.28
C ALA A 782 2.54 -8.26 -15.92
N THR A 783 2.78 -9.58 -16.14
CA THR A 783 4.05 -10.24 -15.83
C THR A 783 5.20 -9.73 -16.71
N TYR A 784 4.89 -9.31 -17.98
CA TYR A 784 5.87 -8.75 -18.90
C TYR A 784 6.28 -7.34 -18.45
N VAL A 785 5.28 -6.43 -18.31
CA VAL A 785 5.39 -5.03 -17.90
C VAL A 785 6.09 -4.93 -16.53
N LEU A 786 5.58 -5.64 -15.51
CA LEU A 786 6.17 -5.65 -14.16
C LEU A 786 7.47 -6.45 -14.05
N GLY A 787 7.79 -7.22 -15.09
CA GLY A 787 8.98 -8.05 -15.19
C GLY A 787 9.06 -9.21 -14.23
N ILE A 788 7.90 -9.87 -13.94
CA ILE A 788 7.83 -10.99 -13.01
C ILE A 788 8.46 -12.24 -13.63
N GLY A 789 9.61 -12.61 -13.07
CA GLY A 789 10.35 -13.79 -13.47
C GLY A 789 9.96 -14.97 -12.62
N ASP A 790 10.63 -16.13 -12.85
CA ASP A 790 10.41 -17.40 -12.15
C ASP A 790 8.96 -17.90 -12.33
N ARG A 791 8.51 -17.96 -13.59
CA ARG A 791 7.17 -18.42 -13.91
C ARG A 791 7.20 -19.93 -14.19
N HIS A 792 6.48 -20.70 -13.35
CA HIS A 792 6.36 -22.14 -13.49
C HIS A 792 4.94 -22.59 -13.16
N SER A 793 4.56 -23.83 -13.55
CA SER A 793 3.22 -24.40 -13.37
C SER A 793 2.67 -24.37 -11.93
N ASP A 794 3.55 -24.21 -10.91
CA ASP A 794 3.14 -24.20 -9.50
C ASP A 794 2.78 -22.80 -8.99
N ASN A 795 3.24 -21.73 -9.65
CA ASN A 795 2.89 -20.39 -9.22
C ASN A 795 1.96 -19.65 -10.22
N ILE A 796 1.16 -20.45 -10.93
CA ILE A 796 0.11 -20.02 -11.85
C ILE A 796 -1.08 -20.85 -11.44
N MET A 797 -2.20 -20.20 -11.14
CA MET A 797 -3.41 -20.88 -10.72
C MET A 797 -4.57 -20.63 -11.67
N ILE A 798 -5.54 -21.52 -11.64
CA ILE A 798 -6.75 -21.41 -12.44
C ILE A 798 -7.95 -21.60 -11.52
N ARG A 799 -8.98 -20.77 -11.73
CA ARG A 799 -10.25 -20.78 -11.02
C ARG A 799 -11.22 -21.60 -11.85
N GLU A 800 -12.17 -22.28 -11.20
CA GLU A 800 -13.17 -23.14 -11.85
C GLU A 800 -14.02 -22.39 -12.88
N SER A 801 -14.07 -21.04 -12.78
CA SER A 801 -14.78 -20.16 -13.72
C SER A 801 -14.01 -20.04 -15.05
N GLY A 802 -12.75 -20.48 -15.05
CA GLY A 802 -11.87 -20.42 -16.20
C GLY A 802 -10.73 -19.43 -16.03
N GLN A 803 -10.92 -18.45 -15.12
CA GLN A 803 -9.98 -17.39 -14.77
C GLN A 803 -8.58 -17.87 -14.36
N LEU A 804 -7.56 -17.38 -15.06
CA LEU A 804 -6.15 -17.69 -14.83
C LEU A 804 -5.51 -16.56 -14.02
N PHE A 805 -4.78 -16.90 -12.95
CA PHE A 805 -4.09 -15.90 -12.14
C PHE A 805 -2.71 -16.38 -11.68
N HIS A 806 -1.86 -15.46 -11.17
CA HIS A 806 -0.49 -15.78 -10.74
C HIS A 806 -0.37 -15.60 -9.23
N ILE A 807 0.50 -16.38 -8.53
CA ILE A 807 0.54 -16.31 -7.06
C ILE A 807 1.90 -15.81 -6.44
N ASP A 808 3.01 -16.60 -6.44
CA ASP A 808 4.26 -16.13 -5.81
C ASP A 808 4.98 -15.04 -6.62
N PHE A 809 4.93 -13.78 -6.12
CA PHE A 809 5.57 -12.61 -6.77
C PHE A 809 6.88 -12.21 -6.07
N GLY A 810 7.66 -13.21 -5.71
CA GLY A 810 8.94 -13.04 -5.04
C GLY A 810 9.95 -12.19 -5.80
N HIS A 811 9.96 -12.32 -7.14
CA HIS A 811 10.89 -11.58 -8.00
C HIS A 811 10.17 -10.81 -9.10
N PHE A 812 10.54 -9.52 -9.25
CA PHE A 812 9.98 -8.59 -10.26
C PHE A 812 11.05 -7.64 -10.84
N LEU A 813 10.70 -6.90 -11.92
CA LEU A 813 11.57 -5.96 -12.63
C LEU A 813 12.85 -6.61 -13.18
N GLY A 814 12.68 -7.82 -13.71
CA GLY A 814 13.73 -8.62 -14.34
C GLY A 814 14.83 -9.09 -13.42
N ASN A 815 14.45 -9.56 -12.20
CA ASN A 815 15.36 -10.07 -11.17
C ASN A 815 15.05 -11.55 -10.84
N VAL A 827 11.86 -11.14 -17.73
CA VAL A 827 12.42 -10.22 -18.73
C VAL A 827 11.56 -10.21 -20.04
N PRO A 828 11.44 -11.29 -20.88
CA PRO A 828 10.64 -11.17 -22.11
C PRO A 828 9.18 -11.57 -21.97
N PHE A 829 8.39 -11.40 -23.04
CA PHE A 829 6.99 -11.82 -23.05
C PHE A 829 6.96 -13.35 -23.11
N ILE A 830 6.07 -13.98 -22.33
CA ILE A 830 5.97 -15.43 -22.27
C ILE A 830 4.54 -15.89 -22.50
N LEU A 831 4.35 -16.73 -23.53
CA LEU A 831 3.07 -17.33 -23.89
C LEU A 831 3.24 -18.87 -23.83
N THR A 832 2.59 -19.53 -22.84
CA THR A 832 2.69 -20.98 -22.66
C THR A 832 1.76 -21.75 -23.59
N TYR A 833 2.29 -22.81 -24.22
CA TYR A 833 1.57 -23.69 -25.16
C TYR A 833 0.33 -24.36 -24.55
N ASP A 834 0.35 -24.63 -23.22
CA ASP A 834 -0.77 -25.26 -22.52
C ASP A 834 -1.94 -24.27 -22.40
N PHE A 835 -1.64 -22.95 -22.41
CA PHE A 835 -2.61 -21.85 -22.38
C PHE A 835 -3.07 -21.49 -23.80
N VAL A 836 -2.13 -21.42 -24.77
CA VAL A 836 -2.42 -21.15 -26.20
C VAL A 836 -3.34 -22.22 -26.79
N HIS A 837 -3.35 -23.42 -26.19
CA HIS A 837 -4.19 -24.56 -26.56
C HIS A 837 -5.62 -24.35 -26.06
N VAL A 838 -5.79 -23.82 -24.83
CA VAL A 838 -7.10 -23.55 -24.22
C VAL A 838 -7.78 -22.37 -24.95
N ILE A 839 -6.99 -21.36 -25.34
CA ILE A 839 -7.43 -20.19 -26.11
C ILE A 839 -8.00 -20.68 -27.45
N GLN A 840 -7.26 -21.55 -28.14
CA GLN A 840 -7.61 -22.13 -29.44
C GLN A 840 -8.71 -23.19 -29.37
N GLN A 841 -9.46 -23.26 -28.23
CA GLN A 841 -10.58 -24.19 -27.98
C GLN A 841 -10.19 -25.67 -28.18
N GLY A 842 -8.92 -25.99 -27.88
CA GLY A 842 -8.36 -27.33 -28.04
C GLY A 842 -7.87 -27.68 -29.44
N LYS A 843 -8.14 -26.81 -30.44
CA LYS A 843 -7.79 -27.02 -31.84
C LYS A 843 -6.31 -26.74 -32.13
N THR A 844 -5.72 -27.51 -33.10
CA THR A 844 -4.32 -27.39 -33.54
C THR A 844 -4.05 -26.02 -34.17
N ASN A 845 -4.94 -25.60 -35.08
CA ASN A 845 -4.88 -24.31 -35.75
C ASN A 845 -6.22 -23.59 -35.55
N ASN A 846 -6.20 -22.42 -34.87
CA ASN A 846 -7.39 -21.60 -34.59
C ASN A 846 -7.01 -20.11 -34.50
N SER A 847 -6.89 -19.44 -35.67
CA SER A 847 -6.50 -18.04 -35.75
C SER A 847 -7.58 -17.07 -35.28
N GLU A 848 -8.86 -17.37 -35.54
CA GLU A 848 -9.97 -16.53 -35.08
C GLU A 848 -9.83 -16.29 -33.57
N LYS A 849 -9.78 -17.38 -32.78
CA LYS A 849 -9.64 -17.33 -31.33
C LYS A 849 -8.27 -16.87 -30.85
N PHE A 850 -7.17 -17.30 -31.49
CA PHE A 850 -5.83 -16.87 -31.05
C PHE A 850 -5.55 -15.38 -31.32
N GLU A 851 -5.94 -14.86 -32.50
CA GLU A 851 -5.65 -13.45 -32.80
C GLU A 851 -6.58 -12.50 -32.03
N ARG A 852 -7.76 -13.00 -31.55
CA ARG A 852 -8.69 -12.27 -30.69
C ARG A 852 -7.93 -12.00 -29.37
N PHE A 853 -7.18 -13.01 -28.88
CA PHE A 853 -6.32 -12.98 -27.69
C PHE A 853 -5.15 -12.00 -27.88
N ARG A 854 -4.51 -11.99 -29.07
CA ARG A 854 -3.44 -11.04 -29.39
C ARG A 854 -3.93 -9.59 -29.22
N GLY A 855 -5.18 -9.33 -29.65
CA GLY A 855 -5.86 -8.05 -29.52
C GLY A 855 -5.97 -7.59 -28.08
N TYR A 856 -6.45 -8.47 -27.19
CA TYR A 856 -6.59 -8.19 -25.75
C TYR A 856 -5.26 -7.80 -25.14
N CYS A 857 -4.15 -8.49 -25.53
CA CYS A 857 -2.78 -8.19 -25.07
C CYS A 857 -2.36 -6.82 -25.53
N GLU A 858 -2.59 -6.49 -26.84
CA GLU A 858 -2.27 -5.21 -27.47
C GLU A 858 -3.02 -4.07 -26.82
N ARG A 859 -4.35 -4.21 -26.73
CA ARG A 859 -5.27 -3.25 -26.12
C ARG A 859 -4.87 -2.95 -24.67
N ALA A 860 -4.67 -4.00 -23.84
CA ALA A 860 -4.25 -3.91 -22.44
C ALA A 860 -2.88 -3.27 -22.25
N TYR A 861 -1.90 -3.60 -23.12
CA TYR A 861 -0.55 -3.04 -23.05
C TYR A 861 -0.55 -1.55 -23.38
N THR A 862 -1.34 -1.14 -24.39
CA THR A 862 -1.46 0.26 -24.81
C THR A 862 -2.19 1.13 -23.75
N ILE A 863 -3.20 0.57 -23.04
CA ILE A 863 -3.91 1.29 -21.96
C ILE A 863 -2.86 1.64 -20.86
N LEU A 864 -2.15 0.63 -20.33
CA LEU A 864 -1.10 0.82 -19.33
C LEU A 864 -0.04 1.85 -19.74
N ARG A 865 0.36 1.86 -21.04
CA ARG A 865 1.35 2.80 -21.61
C ARG A 865 0.97 4.26 -21.41
N ARG A 866 -0.34 4.57 -21.58
CA ARG A 866 -0.91 5.90 -21.42
C ARG A 866 -0.84 6.35 -19.97
N HIS A 867 -0.90 5.38 -19.04
CA HIS A 867 -0.82 5.64 -17.60
C HIS A 867 0.55 5.24 -17.07
N GLY A 868 1.53 5.12 -17.96
CA GLY A 868 2.91 4.74 -17.64
C GLY A 868 3.53 5.65 -16.60
N LEU A 869 3.24 6.96 -16.72
CA LEU A 869 3.69 8.01 -15.80
C LEU A 869 3.14 7.76 -14.39
N LEU A 870 1.93 7.21 -14.28
CA LEU A 870 1.33 6.84 -12.98
C LEU A 870 2.12 5.71 -12.30
N PHE A 871 2.48 4.67 -13.05
CA PHE A 871 3.27 3.54 -12.55
C PHE A 871 4.68 3.97 -12.19
N LEU A 872 5.29 4.84 -13.01
CA LEU A 872 6.65 5.35 -12.76
C LEU A 872 6.73 6.20 -11.50
N HIS A 873 5.67 6.97 -11.20
CA HIS A 873 5.61 7.84 -10.03
C HIS A 873 5.45 7.06 -8.75
N LEU A 874 4.56 6.04 -8.75
CA LEU A 874 4.29 5.17 -7.60
C LEU A 874 5.49 4.30 -7.31
N PHE A 875 6.13 3.78 -8.38
CA PHE A 875 7.34 2.97 -8.27
C PHE A 875 8.51 3.83 -7.75
N ALA A 876 8.52 5.14 -8.10
CA ALA A 876 9.56 6.07 -7.63
C ALA A 876 9.42 6.28 -6.11
N LEU A 877 8.17 6.44 -5.60
CA LEU A 877 7.86 6.62 -4.18
C LEU A 877 8.16 5.35 -3.38
N MET A 878 8.01 4.18 -4.01
CA MET A 878 8.25 2.87 -3.38
C MET A 878 9.73 2.55 -3.15
N ARG A 879 10.65 3.43 -3.58
CA ARG A 879 12.08 3.24 -3.36
C ARG A 879 12.37 3.38 -1.85
N ALA A 880 11.45 4.08 -1.14
CA ALA A 880 11.46 4.32 0.31
C ALA A 880 11.24 3.05 1.14
N ALA A 881 10.53 2.05 0.58
CA ALA A 881 10.20 0.76 1.20
C ALA A 881 11.40 -0.06 1.61
N GLY A 882 12.50 0.10 0.88
CA GLY A 882 13.73 -0.64 1.09
C GLY A 882 13.55 -2.07 0.61
N LEU A 883 13.05 -2.23 -0.64
CA LEU A 883 12.84 -3.52 -1.27
C LEU A 883 14.09 -3.86 -2.08
N PRO A 884 14.78 -5.00 -1.81
CA PRO A 884 16.02 -5.28 -2.57
C PRO A 884 15.87 -5.27 -4.09
N GLU A 885 14.70 -5.73 -4.60
CA GLU A 885 14.41 -5.77 -6.03
C GLU A 885 13.84 -4.44 -6.58
N LEU A 886 13.86 -3.34 -5.77
CA LEU A 886 13.43 -1.97 -6.12
C LEU A 886 14.20 -0.97 -5.22
N SER A 887 15.47 -0.72 -5.58
CA SER A 887 16.39 0.13 -4.82
C SER A 887 17.07 1.23 -5.64
N CYS A 888 17.61 0.88 -6.83
CA CYS A 888 18.32 1.80 -7.72
C CYS A 888 17.42 2.39 -8.82
N SER A 889 17.99 3.28 -9.64
CA SER A 889 17.36 3.96 -10.76
C SER A 889 17.28 2.99 -11.96
N LYS A 890 18.12 1.93 -11.95
CA LYS A 890 18.13 0.89 -12.98
C LYS A 890 16.85 0.04 -12.93
N ASP A 891 16.30 -0.18 -11.72
CA ASP A 891 15.07 -0.93 -11.47
C ASP A 891 13.84 -0.21 -12.09
N ILE A 892 13.80 1.13 -11.99
CA ILE A 892 12.75 1.97 -12.57
C ILE A 892 12.92 2.05 -14.11
N GLN A 893 14.16 1.84 -14.60
CA GLN A 893 14.46 1.83 -16.04
C GLN A 893 13.78 0.62 -16.68
N TYR A 894 13.70 -0.52 -15.94
CA TYR A 894 13.03 -1.72 -16.43
C TYR A 894 11.57 -1.38 -16.80
N LEU A 895 10.90 -0.59 -15.93
CA LEU A 895 9.52 -0.20 -16.15
C LEU A 895 9.38 0.83 -17.27
N LYS A 896 10.45 1.60 -17.57
CA LYS A 896 10.46 2.57 -18.68
C LYS A 896 10.53 1.80 -19.99
N ASP A 897 11.40 0.76 -20.02
CA ASP A 897 11.65 -0.11 -21.18
C ASP A 897 10.47 -1.01 -21.53
N SER A 898 9.92 -1.75 -20.54
CA SER A 898 8.77 -2.64 -20.75
C SER A 898 7.54 -1.87 -21.23
N LEU A 899 7.33 -0.64 -20.73
CA LEU A 899 6.22 0.23 -21.13
C LEU A 899 6.57 1.10 -22.35
N ALA A 900 7.79 0.94 -22.93
CA ALA A 900 8.32 1.71 -24.08
C ALA A 900 7.88 3.18 -24.02
N LEU A 901 8.26 3.85 -22.91
CA LEU A 901 7.90 5.22 -22.55
C LEU A 901 8.20 6.30 -23.63
N GLY A 902 9.42 6.31 -24.17
CA GLY A 902 9.89 7.29 -25.15
C GLY A 902 9.23 7.20 -26.52
N LYS A 903 9.13 5.97 -27.05
CA LYS A 903 8.55 5.64 -28.37
C LYS A 903 7.09 6.10 -28.50
N THR A 904 6.67 6.41 -29.73
CA THR A 904 5.29 6.81 -30.03
C THR A 904 4.39 5.57 -29.94
N GLU A 905 3.05 5.75 -29.78
CA GLU A 905 2.10 4.63 -29.67
C GLU A 905 2.26 3.57 -30.77
N GLU A 906 2.41 3.99 -32.05
CA GLU A 906 2.60 3.10 -33.20
C GLU A 906 3.95 2.35 -33.12
N GLU A 907 5.02 3.08 -32.77
CA GLU A 907 6.38 2.58 -32.63
C GLU A 907 6.50 1.60 -31.46
N ALA A 908 5.74 1.83 -30.37
CA ALA A 908 5.71 0.99 -29.18
C ALA A 908 4.82 -0.25 -29.34
N LEU A 909 3.71 -0.15 -30.13
CA LEU A 909 2.81 -1.28 -30.41
C LEU A 909 3.48 -2.29 -31.33
N LYS A 910 4.41 -1.82 -32.19
CA LYS A 910 5.17 -2.67 -33.11
C LYS A 910 6.24 -3.42 -32.33
N HIS A 911 6.91 -2.73 -31.38
CA HIS A 911 7.95 -3.27 -30.51
C HIS A 911 7.40 -4.40 -29.64
N PHE A 912 6.14 -4.28 -29.18
CA PHE A 912 5.43 -5.30 -28.42
C PHE A 912 5.04 -6.43 -29.36
N ARG A 913 4.61 -6.10 -30.60
CA ARG A 913 4.22 -7.09 -31.62
C ARG A 913 5.39 -7.98 -32.04
N VAL A 914 6.63 -7.53 -31.78
CA VAL A 914 7.85 -8.27 -32.04
C VAL A 914 8.08 -9.22 -30.88
N LYS A 915 7.99 -8.72 -29.62
CA LYS A 915 8.15 -9.52 -28.40
C LYS A 915 7.10 -10.62 -28.29
N PHE A 916 5.82 -10.29 -28.58
CA PHE A 916 4.67 -11.21 -28.55
C PHE A 916 4.86 -12.35 -29.53
N ASN A 917 5.16 -12.02 -30.82
CA ASN A 917 5.39 -12.99 -31.90
C ASN A 917 6.58 -13.89 -31.57
N GLU A 918 7.60 -13.34 -30.87
CA GLU A 918 8.77 -14.09 -30.42
C GLU A 918 8.45 -15.04 -29.27
N ALA A 919 7.46 -14.67 -28.41
CA ALA A 919 6.98 -15.48 -27.28
C ALA A 919 6.23 -16.71 -27.80
N LEU A 920 5.57 -16.55 -28.95
CA LEU A 920 4.80 -17.54 -29.68
C LEU A 920 5.75 -18.60 -30.30
N ARG A 921 6.87 -18.13 -30.89
CA ARG A 921 7.92 -18.99 -31.48
C ARG A 921 8.67 -19.75 -30.39
N GLU A 922 8.88 -19.10 -29.22
CA GLU A 922 9.56 -19.66 -28.05
C GLU A 922 8.83 -20.89 -27.47
N SER A 923 7.50 -21.00 -27.69
CA SER A 923 6.70 -22.17 -27.28
C SER A 923 6.75 -23.21 -28.41
N TRP A 924 7.75 -24.13 -28.31
CA TRP A 924 8.08 -25.22 -29.26
C TRP A 924 8.40 -24.70 -30.66
C1 9NQ B . -4.18 -26.27 0.17
C2 9NQ B . -2.86 -26.02 -0.52
C3 9NQ B . -1.62 -25.07 -2.44
O1 9NQ B . 2.94 -16.49 -0.87
C11 9NQ B . -2.86 -17.37 -3.14
C12 9NQ B . -2.07 -19.78 -2.77
C13 9NQ B . -3.53 -20.15 -2.86
C14 9NQ B . -0.66 -17.83 -2.15
C15 9NQ B . -0.10 -16.66 -2.65
C16 9NQ B . 1.73 -16.88 -1.32
C17 9NQ B . 3.46 -15.25 -1.35
C18 9NQ B . 1.28 -18.06 -0.72
C19 9NQ B . 0.05 -18.53 -1.17
C20 9NQ B . 1.94 -18.80 0.41
F2 9NQ B . 2.48 -17.98 1.30
F 9NQ B . 1.09 -19.55 1.11
F1 9NQ B . 2.92 -19.60 0.00
N5 9NQ B . 1.08 -16.19 -2.25
N4 9NQ B . -1.86 -18.32 -2.65
C10 9NQ B . -4.24 -17.73 -2.60
C9 9NQ B . -4.55 -19.18 -2.82
N3 9NQ B . -5.85 -19.48 -2.98
C8 9NQ B . -6.14 -20.77 -3.16
N2 9NQ B . -5.30 -21.82 -3.22
C7 9NQ B . -3.99 -21.49 -3.07
N1 9NQ B . -3.09 -22.49 -3.23
C5 9NQ B . -3.39 -23.91 -3.49
C4 9NQ B . -2.13 -24.68 -3.82
C6 9NQ B . -4.00 -24.68 -2.33
N 9NQ B . -2.85 -25.32 -1.69
O 9NQ B . -1.82 -26.44 -0.03
C 9NQ B . -4.07 -26.31 1.65
#